data_8WKA
#
_entry.id   8WKA
#
_cell.length_a   67.666
_cell.length_b   115.182
_cell.length_c   83.461
_cell.angle_alpha   90.00
_cell.angle_beta   101.46
_cell.angle_gamma   90.00
#
_symmetry.space_group_name_H-M   'P 1 21 1'
#
loop_
_entity.id
_entity.type
_entity.pdbx_description
1 polymer 'NADPH-dependent alpha-keto amide reductase'
2 water water
#
_entity_poly.entity_id   1
_entity_poly.type   'polypeptide(L)'
_entity_poly.pdbx_seq_one_letter_code
;MTNQKFFTLSNGNKIPAVAVVGVGTKWAHAEETDATFSQELTDIVKLSLDTVPGIVHIDAAEMYKTYPELGAALKETKKP
REEIFITDKFSSLHKISEDPKSALETALNKLGVDYVDLYLIHSPFFDKDLNIDLETAWKQLEELYKSGKAKNIGVSNFTV
EDLKKVLAIAEIKPQVNQIEFSPFLQNQTPGIVEFSQKNDILLEAYSPLGPLAKKPTDADQQPFYQYLKELSEKYNKTEA
QVLLLWVYKRGILPVTTSAKIERIKQAQDIFSFDLTEEEVKKITDLGLQHEPVRLWHVDFYTKYNSEAQK
;
_entity_poly.pdbx_strand_id   A,B,C,D
#
# COMPACT_ATOMS: atom_id res chain seq x y z
N ASN A 3 -29.06 16.63 33.35
CA ASN A 3 -29.29 15.18 33.63
C ASN A 3 -29.26 14.42 32.29
N GLN A 4 -28.71 13.21 32.33
CA GLN A 4 -28.45 12.42 31.12
C GLN A 4 -29.73 12.19 30.33
N LYS A 5 -29.64 12.39 29.01
CA LYS A 5 -30.73 12.06 28.11
C LYS A 5 -30.44 10.74 27.39
N PHE A 6 -31.52 10.15 26.86
CA PHE A 6 -31.49 8.90 26.13
C PHE A 6 -32.38 9.02 24.91
N PHE A 7 -31.99 8.30 23.85
CA PHE A 7 -32.93 7.94 22.81
C PHE A 7 -33.56 6.61 23.19
N THR A 8 -34.79 6.44 22.73
CA THR A 8 -35.48 5.16 22.78
C THR A 8 -35.50 4.54 21.38
N LEU A 9 -35.00 3.32 21.27
CA LEU A 9 -34.93 2.65 19.98
C LEU A 9 -36.30 2.05 19.65
N SER A 10 -36.44 1.51 18.44
CA SER A 10 -37.74 1.03 17.98
C SER A 10 -38.14 -0.28 18.69
N ASN A 11 -37.22 -0.85 19.48
CA ASN A 11 -37.52 -2.05 20.25
C ASN A 11 -37.81 -1.68 21.71
N GLY A 12 -37.83 -0.36 22.00
CA GLY A 12 -38.16 0.12 23.34
C GLY A 12 -36.93 0.38 24.21
N ASN A 13 -35.76 -0.14 23.80
CA ASN A 13 -34.55 -0.01 24.60
C ASN A 13 -34.04 1.44 24.56
N LYS A 14 -33.35 1.84 25.65
CA LYS A 14 -32.79 3.17 25.79
C LYS A 14 -31.28 3.13 25.50
N ILE A 15 -30.79 4.20 24.89
CA ILE A 15 -29.38 4.33 24.57
C ILE A 15 -28.94 5.74 24.99
N PRO A 16 -27.84 5.89 25.75
CA PRO A 16 -27.34 7.21 26.15
C PRO A 16 -27.12 8.10 24.93
N ALA A 17 -27.55 9.35 25.03
CA ALA A 17 -27.82 10.15 23.85
C ALA A 17 -26.53 10.82 23.34
N VAL A 18 -25.41 10.63 24.07
CA VAL A 18 -24.08 10.93 23.54
C VAL A 18 -23.14 9.78 23.90
N ALA A 19 -22.28 9.43 22.96
CA ALA A 19 -21.19 8.50 23.21
C ALA A 19 -19.89 9.28 23.32
N VAL A 20 -19.19 9.14 24.45
CA VAL A 20 -18.20 10.13 24.85
C VAL A 20 -16.80 9.52 24.77
N VAL A 21 -16.77 8.18 24.74
CA VAL A 21 -15.56 7.37 24.80
C VAL A 21 -15.47 6.55 23.52
N GLY A 22 -14.41 6.75 22.74
CA GLY A 22 -14.14 5.90 21.60
C GLY A 22 -12.77 5.23 21.72
N VAL A 23 -12.63 4.04 21.14
CA VAL A 23 -11.37 3.34 21.17
C VAL A 23 -10.88 3.10 19.74
N GLY A 24 -11.26 3.98 18.81
CA GLY A 24 -10.82 3.86 17.44
C GLY A 24 -9.58 4.69 17.17
N THR A 25 -9.38 5.73 17.98
CA THR A 25 -8.29 6.67 17.79
C THR A 25 -7.30 6.51 18.93
N LYS A 26 -6.01 6.49 18.57
CA LYS A 26 -4.93 6.48 19.54
C LYS A 26 -3.79 7.35 19.01
N TRP A 27 -2.94 7.85 19.92
CA TRP A 27 -1.71 8.48 19.50
C TRP A 27 -0.94 7.51 18.62
N ALA A 28 -0.57 7.97 17.41
CA ALA A 28 -0.02 7.10 16.38
C ALA A 28 1.15 7.78 15.67
N HIS A 29 2.29 7.08 15.60
CA HIS A 29 3.48 7.62 14.96
C HIS A 29 3.27 7.62 13.44
N ALA A 30 3.94 8.58 12.76
CA ALA A 30 3.85 8.70 11.32
C ALA A 30 4.26 7.37 10.65
N GLU A 31 5.50 6.92 10.93
CA GLU A 31 6.06 5.74 10.27
C GLU A 31 5.64 4.46 11.02
N GLU A 32 4.44 4.49 11.63
CA GLU A 32 4.02 3.45 12.56
C GLU A 32 4.20 2.08 11.89
N ASP A 34 2.58 -0.30 13.24
CA ASP A 34 2.55 -1.02 14.55
C ASP A 34 1.10 -1.23 14.98
N ALA A 35 0.65 -2.49 14.93
CA ALA A 35 -0.45 -2.95 15.74
C ALA A 35 0.05 -3.20 17.17
N THR A 36 0.09 -2.12 17.97
CA THR A 36 0.73 -2.14 19.28
C THR A 36 -0.24 -1.63 20.34
N PHE A 37 0.04 -1.98 21.60
CA PHE A 37 -0.85 -1.66 22.71
C PHE A 37 -0.68 -0.20 23.09
N SER A 38 -1.81 0.55 23.12
CA SER A 38 -1.80 1.93 23.55
C SER A 38 -2.19 2.01 25.03
N GLN A 39 -1.17 2.12 25.89
CA GLN A 39 -1.38 2.33 27.31
C GLN A 39 -2.13 3.66 27.51
N GLU A 40 -1.82 4.65 26.67
CA GLU A 40 -2.43 5.98 26.75
C GLU A 40 -3.95 5.84 26.60
N LEU A 41 -4.38 4.94 25.70
CA LEU A 41 -5.78 4.75 25.39
C LEU A 41 -6.50 4.01 26.53
N THR A 42 -5.89 2.95 27.05
CA THR A 42 -6.54 2.20 28.12
C THR A 42 -6.68 3.07 29.37
N ASP A 43 -5.71 3.97 29.58
CA ASP A 43 -5.71 4.92 30.70
C ASP A 43 -6.92 5.86 30.62
N ILE A 44 -7.13 6.49 29.46
CA ILE A 44 -8.17 7.50 29.31
C ILE A 44 -9.55 6.83 29.37
N VAL A 45 -9.64 5.57 28.93
CA VAL A 45 -10.89 4.84 28.99
C VAL A 45 -11.22 4.54 30.46
N LYS A 46 -10.21 4.11 31.20
CA LYS A 46 -10.40 3.72 32.58
C LYS A 46 -10.84 4.93 33.41
N LEU A 47 -10.15 6.04 33.16
CA LEU A 47 -10.42 7.29 33.84
C LEU A 47 -11.84 7.76 33.54
N SER A 48 -12.27 7.58 32.28
CA SER A 48 -13.63 7.93 31.88
C SER A 48 -14.65 7.10 32.65
N LEU A 49 -14.42 5.79 32.73
CA LEU A 49 -15.36 4.91 33.40
C LEU A 49 -15.45 5.25 34.90
N ASP A 50 -14.33 5.71 35.48
CA ASP A 50 -14.29 5.96 36.91
C ASP A 50 -14.93 7.32 37.26
N THR A 51 -14.81 8.33 36.38
CA THR A 51 -15.09 9.70 36.79
C THR A 51 -16.24 10.33 35.99
N VAL A 52 -16.61 9.73 34.85
CA VAL A 52 -17.66 10.30 34.04
C VAL A 52 -19.00 9.84 34.60
N PRO A 53 -19.87 10.79 35.00
CA PRO A 53 -21.13 10.46 35.67
C PRO A 53 -22.15 9.87 34.70
N GLY A 54 -23.01 9.01 35.24
CA GLY A 54 -24.10 8.42 34.49
C GLY A 54 -23.64 7.18 33.72
N ILE A 55 -24.50 6.74 32.79
CA ILE A 55 -24.18 5.64 31.91
C ILE A 55 -23.21 6.15 30.86
N VAL A 56 -22.06 5.49 30.78
CA VAL A 56 -21.00 5.88 29.85
C VAL A 56 -21.09 5.03 28.59
N HIS A 57 -21.33 5.71 27.45
CA HIS A 57 -21.52 5.05 26.17
C HIS A 57 -20.17 5.04 25.44
N ILE A 58 -19.67 3.81 25.17
CA ILE A 58 -18.37 3.57 24.56
C ILE A 58 -18.56 3.07 23.14
N ASP A 59 -17.73 3.55 22.22
CA ASP A 59 -17.80 3.12 20.83
C ASP A 59 -16.54 2.35 20.46
N ALA A 60 -16.71 1.04 20.22
CA ALA A 60 -15.62 0.16 19.87
C ALA A 60 -15.94 -0.52 18.54
N ALA A 61 -14.95 -1.19 17.95
CA ALA A 61 -15.10 -1.81 16.64
C ALA A 61 -14.03 -2.88 16.46
N GLU A 62 -14.42 -3.98 15.81
CA GLU A 62 -13.49 -5.06 15.51
C GLU A 62 -12.26 -4.51 14.79
N MET A 63 -12.48 -3.62 13.83
CA MET A 63 -11.43 -3.19 12.92
C MET A 63 -10.45 -2.23 13.63
N TYR A 64 -10.85 -1.67 14.77
CA TYR A 64 -9.98 -0.74 15.51
C TYR A 64 -8.82 -1.49 16.16
N LYS A 65 -9.00 -2.82 16.38
CA LYS A 65 -8.01 -3.67 17.02
C LYS A 65 -7.58 -3.08 18.37
N THR A 66 -8.56 -2.77 19.23
CA THR A 66 -8.28 -2.16 20.52
C THR A 66 -9.09 -2.85 21.60
N TYR A 67 -9.53 -4.07 21.33
CA TYR A 67 -10.25 -4.83 22.34
C TYR A 67 -9.35 -5.06 23.56
N PRO A 68 -8.04 -5.35 23.39
CA PRO A 68 -7.15 -5.51 24.53
C PRO A 68 -7.14 -4.27 25.43
N GLU A 69 -7.08 -3.09 24.82
CA GLU A 69 -7.00 -1.86 25.58
C GLU A 69 -8.31 -1.64 26.33
N LEU A 70 -9.43 -1.89 25.66
CA LEU A 70 -10.73 -1.66 26.24
C LEU A 70 -10.99 -2.70 27.32
N GLY A 71 -10.63 -3.95 27.00
CA GLY A 71 -10.72 -5.06 27.92
C GLY A 71 -10.00 -4.79 29.25
N ALA A 72 -8.78 -4.27 29.16
CA ALA A 72 -7.99 -3.93 30.34
C ALA A 72 -8.74 -2.91 31.20
N ALA A 73 -9.24 -1.83 30.55
CA ALA A 73 -9.96 -0.78 31.25
C ALA A 73 -11.22 -1.35 31.91
N LEU A 74 -11.95 -2.20 31.20
CA LEU A 74 -13.21 -2.72 31.69
C LEU A 74 -12.96 -3.59 32.92
N LYS A 75 -11.82 -4.27 32.93
CA LYS A 75 -11.46 -5.15 34.03
C LYS A 75 -11.11 -4.34 35.28
N GLU A 76 -10.42 -3.21 35.10
CA GLU A 76 -9.75 -2.52 36.20
C GLU A 76 -10.68 -1.48 36.83
N THR A 77 -11.70 -1.04 36.07
CA THR A 77 -12.65 -0.07 36.57
C THR A 77 -13.60 -0.71 37.58
N LYS A 78 -14.19 0.12 38.43
CA LYS A 78 -15.19 -0.32 39.39
C LYS A 78 -16.58 0.12 38.94
N LYS A 79 -16.65 0.85 37.80
CA LYS A 79 -17.92 1.17 37.17
C LYS A 79 -18.71 -0.12 36.93
N PRO A 80 -19.97 -0.25 37.46
CA PRO A 80 -20.78 -1.42 37.20
C PRO A 80 -21.04 -1.60 35.69
N ARG A 81 -21.23 -2.86 35.27
CA ARG A 81 -21.50 -3.19 33.87
C ARG A 81 -22.75 -2.46 33.38
N GLU A 82 -23.75 -2.33 34.25
CA GLU A 82 -25.03 -1.77 33.87
C GLU A 82 -24.93 -0.24 33.66
N GLU A 83 -23.82 0.37 34.01
CA GLU A 83 -23.67 1.81 33.81
C GLU A 83 -22.70 2.05 32.65
N ILE A 84 -22.48 1.01 31.83
CA ILE A 84 -21.69 1.10 30.63
C ILE A 84 -22.54 0.64 29.44
N PHE A 85 -22.55 1.45 28.39
CA PHE A 85 -23.19 1.03 27.16
C PHE A 85 -22.10 0.86 26.11
N ILE A 86 -21.87 -0.41 25.71
CA ILE A 86 -20.80 -0.75 24.79
C ILE A 86 -21.39 -0.99 23.40
N THR A 87 -20.88 -0.26 22.44
CA THR A 87 -21.16 -0.48 21.04
C THR A 87 -19.95 -1.14 20.40
N ASP A 88 -20.19 -2.19 19.62
CA ASP A 88 -19.13 -2.87 18.90
C ASP A 88 -19.65 -3.12 17.49
N LYS A 89 -18.73 -3.39 16.57
CA LYS A 89 -19.02 -3.39 15.15
C LYS A 89 -18.29 -4.54 14.49
N PHE A 90 -19.01 -5.32 13.69
CA PHE A 90 -18.42 -6.36 12.87
C PHE A 90 -17.67 -5.70 11.71
N SER A 91 -16.41 -6.12 11.50
CA SER A 91 -15.57 -5.56 10.44
C SER A 91 -15.86 -6.24 9.10
N SER A 92 -16.75 -5.62 8.31
CA SER A 92 -17.16 -6.17 7.04
C SER A 92 -16.27 -5.65 5.92
N LEU A 93 -15.72 -4.45 6.10
CA LEU A 93 -14.91 -3.80 5.10
C LEU A 93 -13.58 -4.52 5.00
N HIS A 94 -13.01 -4.87 6.15
CA HIS A 94 -11.72 -5.54 6.22
C HIS A 94 -11.87 -6.79 7.06
N LYS A 95 -11.72 -7.95 6.41
CA LYS A 95 -12.06 -9.23 7.03
C LYS A 95 -11.09 -9.52 8.19
N ILE A 96 -11.65 -9.73 9.38
CA ILE A 96 -10.88 -10.19 10.53
C ILE A 96 -11.49 -11.50 11.04
N SER A 97 -12.82 -11.60 11.02
CA SER A 97 -13.51 -12.83 11.36
C SER A 97 -14.32 -13.31 10.15
N GLU A 98 -14.87 -14.53 10.24
CA GLU A 98 -15.60 -15.12 9.12
C GLU A 98 -16.94 -14.42 8.97
N ASP A 99 -17.53 -14.02 10.10
CA ASP A 99 -18.90 -13.59 10.13
C ASP A 99 -19.19 -12.89 11.46
N PRO A 100 -20.32 -12.17 11.58
CA PRO A 100 -20.65 -11.48 12.83
C PRO A 100 -20.64 -12.38 14.08
N LYS A 101 -21.09 -13.62 13.98
CA LYS A 101 -21.20 -14.42 15.20
C LYS A 101 -19.81 -14.79 15.72
N SER A 102 -18.89 -15.13 14.83
CA SER A 102 -17.53 -15.45 15.24
C SER A 102 -16.79 -14.18 15.71
N ALA A 103 -17.14 -13.02 15.12
CA ALA A 103 -16.50 -11.79 15.53
C ALA A 103 -16.94 -11.41 16.95
N LEU A 104 -18.23 -11.50 17.23
CA LEU A 104 -18.71 -11.08 18.53
C LEU A 104 -18.16 -12.01 19.62
N GLU A 105 -18.09 -13.32 19.34
CA GLU A 105 -17.54 -14.26 20.32
C GLU A 105 -16.12 -13.83 20.70
N THR A 106 -15.30 -13.56 19.69
CA THR A 106 -13.93 -13.12 19.92
C THR A 106 -13.93 -11.84 20.75
N ALA A 107 -14.83 -10.91 20.43
CA ALA A 107 -14.86 -9.60 21.06
C ALA A 107 -15.24 -9.74 22.53
N LEU A 108 -16.30 -10.49 22.81
CA LEU A 108 -16.76 -10.72 24.17
C LEU A 108 -15.64 -11.34 25.01
N ASN A 109 -14.89 -12.26 24.42
CA ASN A 109 -13.83 -12.95 25.15
C ASN A 109 -12.70 -11.97 25.46
N LYS A 110 -12.26 -11.20 24.47
CA LYS A 110 -11.21 -10.22 24.69
C LYS A 110 -11.69 -9.15 25.67
N LEU A 111 -12.97 -8.77 25.60
CA LEU A 111 -13.45 -7.62 26.36
C LEU A 111 -13.72 -8.04 27.81
N GLY A 112 -14.00 -9.34 28.00
CA GLY A 112 -14.34 -9.85 29.32
C GLY A 112 -15.79 -9.50 29.69
N VAL A 113 -16.67 -9.48 28.69
CA VAL A 113 -18.05 -9.16 28.93
C VAL A 113 -18.90 -10.28 28.34
N ASP A 114 -20.16 -10.33 28.76
CA ASP A 114 -21.10 -11.36 28.38
C ASP A 114 -21.97 -10.93 27.19
N TYR A 115 -22.07 -9.61 26.98
CA TYR A 115 -22.92 -9.06 25.94
C TYR A 115 -22.38 -7.67 25.58
N VAL A 116 -22.71 -7.19 24.37
CA VAL A 116 -22.55 -5.78 24.05
C VAL A 116 -23.95 -5.17 23.93
N ASP A 117 -24.03 -3.86 24.14
CA ASP A 117 -25.30 -3.17 24.19
C ASP A 117 -25.80 -2.91 22.78
N LEU A 118 -24.86 -2.74 21.83
CA LEU A 118 -25.24 -2.50 20.46
C LEU A 118 -24.18 -3.11 19.56
N TYR A 119 -24.66 -3.84 18.56
CA TYR A 119 -23.78 -4.47 17.61
C TYR A 119 -24.14 -4.00 16.21
N LEU A 120 -23.14 -3.48 15.47
CA LEU A 120 -23.36 -2.94 14.13
C LEU A 120 -22.58 -3.74 13.09
N ILE A 121 -23.13 -3.81 11.87
CA ILE A 121 -22.34 -4.08 10.68
C ILE A 121 -21.62 -2.79 10.29
N HIS A 122 -20.29 -2.83 10.22
CA HIS A 122 -19.51 -1.61 10.17
C HIS A 122 -19.62 -0.91 8.82
N SER A 123 -19.86 -1.67 7.74
CA SER A 123 -19.81 -1.12 6.39
C SER A 123 -20.63 -2.00 5.46
N PRO A 124 -21.29 -1.42 4.44
CA PRO A 124 -21.96 -2.21 3.42
C PRO A 124 -21.01 -2.73 2.34
N PHE A 125 -19.75 -2.27 2.33
CA PHE A 125 -18.81 -2.65 1.28
C PHE A 125 -18.05 -3.91 1.71
N PHE A 126 -18.75 -5.05 1.65
CA PHE A 126 -18.22 -6.30 2.17
C PHE A 126 -16.92 -6.66 1.47
N ASP A 127 -15.93 -7.07 2.26
CA ASP A 127 -14.67 -7.59 1.80
C ASP A 127 -14.91 -8.80 0.89
N LYS A 128 -14.18 -8.86 -0.24
CA LYS A 128 -14.28 -9.95 -1.20
C LYS A 128 -13.98 -11.31 -0.55
N ASP A 129 -13.23 -11.32 0.56
CA ASP A 129 -12.80 -12.59 1.17
C ASP A 129 -13.90 -13.15 2.07
N LEU A 130 -14.91 -12.35 2.43
CA LEU A 130 -16.01 -12.85 3.24
C LEU A 130 -16.83 -13.86 2.43
N ASN A 131 -17.31 -14.92 3.09
CA ASN A 131 -18.16 -15.92 2.46
C ASN A 131 -19.60 -15.71 2.91
N ILE A 132 -19.90 -14.48 3.30
CA ILE A 132 -21.22 -14.09 3.73
C ILE A 132 -21.55 -12.76 3.06
N ASP A 133 -22.82 -12.58 2.70
CA ASP A 133 -23.31 -11.32 2.15
C ASP A 133 -24.11 -10.58 3.21
N LEU A 134 -24.59 -9.39 2.84
CA LEU A 134 -25.26 -8.49 3.76
C LEU A 134 -26.48 -9.15 4.39
N GLU A 135 -27.30 -9.80 3.58
CA GLU A 135 -28.54 -10.38 4.06
C GLU A 135 -28.23 -11.42 5.14
N THR A 136 -27.27 -12.31 4.85
CA THR A 136 -26.90 -13.38 5.78
C THR A 136 -26.27 -12.79 7.04
N ALA A 137 -25.45 -11.74 6.87
CA ALA A 137 -24.81 -11.11 8.00
C ALA A 137 -25.87 -10.49 8.92
N TRP A 138 -26.91 -9.91 8.34
CA TRP A 138 -27.97 -9.31 9.14
C TRP A 138 -28.72 -10.39 9.94
N LYS A 139 -29.06 -11.48 9.26
CA LYS A 139 -29.73 -12.59 9.90
C LYS A 139 -28.88 -13.13 11.05
N GLN A 140 -27.54 -13.07 10.93
CA GLN A 140 -26.66 -13.40 12.04
C GLN A 140 -26.81 -12.39 13.19
N LEU A 141 -26.91 -11.07 12.90
CA LEU A 141 -27.14 -10.10 13.98
C LEU A 141 -28.48 -10.40 14.66
N GLU A 142 -29.48 -10.82 13.88
CA GLU A 142 -30.80 -11.08 14.40
C GLU A 142 -30.72 -12.20 15.45
N GLU A 143 -29.90 -13.21 15.16
CA GLU A 143 -29.70 -14.34 16.05
C GLU A 143 -28.84 -13.93 17.25
N LEU A 144 -27.84 -13.05 17.04
CA LEU A 144 -27.05 -12.56 18.16
C LEU A 144 -27.96 -11.78 19.13
N TYR A 145 -28.91 -11.05 18.57
CA TYR A 145 -29.94 -10.36 19.33
C TYR A 145 -30.80 -11.37 20.09
N LYS A 146 -31.23 -12.41 19.38
CA LYS A 146 -32.08 -13.44 19.96
C LYS A 146 -31.39 -14.07 21.16
N SER A 147 -30.07 -14.25 21.06
CA SER A 147 -29.30 -14.96 22.07
C SER A 147 -29.00 -14.03 23.26
N GLY A 148 -29.17 -12.72 23.07
CA GLY A 148 -28.93 -11.75 24.13
C GLY A 148 -27.47 -11.28 24.15
N LYS A 149 -26.65 -11.73 23.21
CA LYS A 149 -25.25 -11.34 23.17
C LYS A 149 -25.11 -9.91 22.61
N ALA A 150 -26.12 -9.49 21.85
CA ALA A 150 -26.26 -8.09 21.48
C ALA A 150 -27.65 -7.63 21.91
N LYS A 151 -27.71 -6.62 22.79
CA LYS A 151 -28.99 -6.15 23.28
C LYS A 151 -29.71 -5.35 22.20
N ASN A 152 -28.94 -4.76 21.27
CA ASN A 152 -29.50 -4.03 20.16
C ASN A 152 -28.63 -4.26 18.93
N ILE A 153 -29.21 -4.09 17.73
CA ILE A 153 -28.50 -4.35 16.49
C ILE A 153 -28.79 -3.26 15.47
N GLY A 154 -27.81 -2.99 14.60
CA GLY A 154 -27.98 -2.07 13.49
C GLY A 154 -26.78 -2.10 12.57
N VAL A 155 -26.57 -0.97 11.89
CA VAL A 155 -25.65 -0.94 10.77
C VAL A 155 -24.86 0.35 10.85
N SER A 156 -23.85 0.47 9.98
CA SER A 156 -23.04 1.66 9.93
C SER A 156 -22.71 1.97 8.49
N ASN A 157 -22.82 3.27 8.13
CA ASN A 157 -22.39 3.78 6.84
C ASN A 157 -23.27 3.22 5.72
N PHE A 158 -24.52 2.89 6.04
CA PHE A 158 -25.42 2.33 5.05
C PHE A 158 -26.10 3.46 4.28
N THR A 159 -26.21 3.27 2.96
CA THR A 159 -27.03 4.10 2.10
C THR A 159 -28.50 3.66 2.21
N VAL A 160 -29.40 4.48 1.65
CA VAL A 160 -30.81 4.15 1.61
C VAL A 160 -30.98 2.78 0.95
N GLU A 161 -30.18 2.54 -0.09
CA GLU A 161 -30.26 1.32 -0.88
C GLU A 161 -29.83 0.10 -0.04
N ASP A 162 -28.78 0.29 0.76
CA ASP A 162 -28.31 -0.76 1.65
C ASP A 162 -29.37 -1.05 2.70
N LEU A 163 -29.92 0.01 3.33
CA LEU A 163 -30.99 -0.16 4.32
C LEU A 163 -32.14 -0.97 3.73
N LYS A 164 -32.54 -0.63 2.51
CA LYS A 164 -33.71 -1.27 1.91
C LYS A 164 -33.44 -2.76 1.70
N LYS A 165 -32.17 -3.10 1.43
CA LYS A 165 -31.80 -4.51 1.27
C LYS A 165 -32.02 -5.25 2.60
N VAL A 166 -31.67 -4.62 3.73
CA VAL A 166 -31.90 -5.19 5.04
C VAL A 166 -33.41 -5.27 5.31
N LEU A 167 -34.13 -4.18 5.09
CA LEU A 167 -35.53 -4.12 5.45
C LEU A 167 -36.30 -5.18 4.67
N ALA A 168 -35.84 -5.50 3.44
CA ALA A 168 -36.51 -6.49 2.61
C ALA A 168 -36.52 -7.87 3.29
N ILE A 169 -35.48 -8.22 4.06
CA ILE A 169 -35.39 -9.57 4.60
C ILE A 169 -35.48 -9.58 6.12
N ALA A 170 -35.66 -8.39 6.73
CA ALA A 170 -35.47 -8.23 8.16
C ALA A 170 -36.72 -8.71 8.91
N GLU A 171 -36.50 -9.57 9.90
CA GLU A 171 -37.47 -9.82 10.95
C GLU A 171 -37.36 -8.73 12.02
N ILE A 172 -36.13 -8.39 12.40
CA ILE A 172 -35.87 -7.27 13.30
C ILE A 172 -35.33 -6.10 12.50
N LYS A 173 -36.02 -4.96 12.59
CA LYS A 173 -35.62 -3.75 11.89
C LYS A 173 -34.36 -3.21 12.54
N PRO A 174 -33.34 -2.81 11.76
CA PRO A 174 -32.15 -2.15 12.31
C PRO A 174 -32.59 -0.99 13.19
N GLN A 175 -32.06 -0.95 14.42
CA GLN A 175 -32.43 0.08 15.38
C GLN A 175 -31.58 1.32 15.18
N VAL A 176 -30.38 1.16 14.59
CA VAL A 176 -29.41 2.24 14.46
C VAL A 176 -28.75 2.17 13.07
N ASN A 177 -28.46 3.34 12.51
CA ASN A 177 -27.54 3.48 11.42
C ASN A 177 -26.51 4.53 11.81
N GLN A 178 -25.27 4.09 12.08
CA GLN A 178 -24.18 5.00 12.44
C GLN A 178 -23.54 5.56 11.17
N ILE A 179 -23.72 6.86 10.95
CA ILE A 179 -23.16 7.52 9.78
C ILE A 179 -22.24 8.64 10.23
N GLU A 180 -21.29 9.02 9.37
CA GLU A 180 -20.61 10.30 9.48
C GLU A 180 -21.67 11.40 9.29
N PHE A 181 -21.80 12.26 10.29
CA PHE A 181 -22.70 13.39 10.24
C PHE A 181 -22.11 14.57 10.99
N SER A 182 -22.23 15.74 10.39
CA SER A 182 -21.77 16.97 10.97
C SER A 182 -22.44 18.12 10.25
N PRO A 183 -22.28 19.38 10.68
CA PRO A 183 -22.85 20.49 9.93
C PRO A 183 -22.24 20.64 8.54
N PHE A 184 -21.09 20.00 8.29
CA PHE A 184 -20.47 20.03 6.98
C PHE A 184 -20.64 18.70 6.26
N LEU A 185 -21.46 17.80 6.79
CA LEU A 185 -21.86 16.62 6.05
C LEU A 185 -23.20 16.14 6.59
N GLN A 186 -24.27 16.74 6.08
CA GLN A 186 -25.58 16.58 6.67
C GLN A 186 -26.33 15.45 6.01
N ASN A 187 -25.74 14.85 4.97
CA ASN A 187 -26.23 13.62 4.41
C ASN A 187 -25.06 12.81 3.85
N GLN A 188 -24.57 11.84 4.65
CA GLN A 188 -23.39 11.09 4.28
C GLN A 188 -23.54 10.56 2.87
N THR A 189 -24.70 9.97 2.60
CA THR A 189 -25.07 9.51 1.28
C THR A 189 -26.47 10.04 1.00
N PRO A 190 -26.95 10.07 -0.26
CA PRO A 190 -28.11 10.91 -0.60
C PRO A 190 -29.39 10.52 0.16
N GLY A 191 -29.94 11.48 0.90
CA GLY A 191 -31.23 11.31 1.54
C GLY A 191 -31.23 10.37 2.75
N ILE A 192 -30.04 10.03 3.27
CA ILE A 192 -29.98 9.01 4.30
C ILE A 192 -30.63 9.51 5.59
N VAL A 193 -30.48 10.80 5.90
CA VAL A 193 -30.95 11.30 7.19
C VAL A 193 -32.49 11.24 7.22
N GLU A 194 -33.13 11.72 6.15
CA GLU A 194 -34.58 11.81 6.08
C GLU A 194 -35.17 10.41 6.02
N PHE A 195 -34.53 9.52 5.27
CA PHE A 195 -35.02 8.17 5.11
C PHE A 195 -34.93 7.41 6.42
N SER A 196 -33.77 7.54 7.10
CA SER A 196 -33.56 6.85 8.36
C SER A 196 -34.58 7.33 9.39
N GLN A 197 -34.75 8.66 9.52
CA GLN A 197 -35.59 9.20 10.58
C GLN A 197 -37.07 8.92 10.28
N LYS A 198 -37.42 8.79 9.00
CA LYS A 198 -38.79 8.51 8.60
C LYS A 198 -39.12 7.04 8.89
N ASN A 199 -38.11 6.18 8.86
CA ASN A 199 -38.33 4.76 9.11
C ASN A 199 -37.93 4.39 10.54
N ASP A 200 -37.77 5.39 11.42
CA ASP A 200 -37.60 5.13 12.85
C ASP A 200 -36.31 4.34 13.10
N ILE A 201 -35.26 4.64 12.32
CA ILE A 201 -33.93 4.12 12.56
C ILE A 201 -33.08 5.26 13.12
N LEU A 202 -32.66 5.15 14.39
CA LEU A 202 -31.88 6.19 15.03
C LEU A 202 -30.55 6.34 14.31
N LEU A 203 -30.23 7.57 13.91
CA LEU A 203 -28.91 7.87 13.40
C LEU A 203 -27.97 8.12 14.58
N GLU A 204 -26.76 7.55 14.48
CA GLU A 204 -25.63 8.04 15.23
C GLU A 204 -24.77 8.85 14.30
N ALA A 205 -24.07 9.83 14.87
CA ALA A 205 -23.23 10.70 14.08
C ALA A 205 -21.78 10.52 14.51
N TYR A 206 -20.98 9.90 13.64
CA TYR A 206 -19.55 9.80 13.81
C TYR A 206 -18.89 11.06 13.26
N SER A 207 -17.76 11.45 13.88
CA SER A 207 -17.05 12.70 13.60
C SER A 207 -17.99 13.89 13.46
N PRO A 208 -18.87 14.13 14.46
CA PRO A 208 -19.67 15.35 14.47
C PRO A 208 -18.81 16.61 14.62
N LEU A 209 -17.57 16.45 15.10
CA LEU A 209 -16.68 17.58 15.33
C LEU A 209 -15.75 17.75 14.13
N GLY A 210 -16.20 17.25 12.98
CA GLY A 210 -15.46 17.35 11.73
C GLY A 210 -15.09 18.79 11.39
N PRO A 211 -16.02 19.77 11.56
CA PRO A 211 -15.69 21.18 11.33
C PRO A 211 -14.48 21.68 12.13
N LEU A 212 -14.30 21.14 13.33
CA LEU A 212 -13.24 21.57 14.23
C LEU A 212 -12.00 20.71 14.02
N ALA A 213 -12.18 19.49 13.54
CA ALA A 213 -11.04 18.63 13.21
C ALA A 213 -10.29 19.20 12.01
N LYS A 214 -11.06 19.77 11.07
CA LYS A 214 -10.57 20.20 9.78
C LYS A 214 -11.03 21.64 9.55
N LYS A 215 -10.25 22.59 10.09
CA LYS A 215 -10.68 23.96 10.25
C LYS A 215 -9.98 24.82 9.21
N PRO A 216 -10.70 25.36 8.20
CA PRO A 216 -10.05 26.03 7.07
C PRO A 216 -9.35 27.29 7.56
N THR A 217 -8.36 27.73 6.79
CA THR A 217 -7.40 28.73 7.25
C THR A 217 -8.07 30.10 7.42
N ASP A 218 -9.21 30.32 6.75
CA ASP A 218 -9.88 31.61 6.81
C ASP A 218 -11.09 31.54 7.74
N ALA A 219 -11.00 30.68 8.75
CA ALA A 219 -12.16 30.32 9.57
C ALA A 219 -12.69 31.54 10.32
N ASP A 220 -11.80 32.48 10.65
CA ASP A 220 -12.16 33.60 11.51
C ASP A 220 -13.10 34.57 10.79
N GLN A 221 -13.12 34.55 9.45
CA GLN A 221 -14.07 35.36 8.68
C GLN A 221 -15.25 34.51 8.22
N GLN A 222 -15.33 33.27 8.69
CA GLN A 222 -16.37 32.38 8.23
C GLN A 222 -17.53 32.42 9.20
N PRO A 223 -18.77 32.66 8.74
CA PRO A 223 -19.88 32.89 9.65
C PRO A 223 -20.29 31.65 10.47
N PHE A 224 -20.04 30.44 9.91
CA PHE A 224 -20.26 29.22 10.68
C PHE A 224 -19.45 29.28 11.97
N TYR A 225 -18.16 29.55 11.83
CA TYR A 225 -17.23 29.56 12.95
C TYR A 225 -17.47 30.78 13.85
N GLN A 226 -17.93 31.89 13.28
CA GLN A 226 -18.24 33.08 14.06
C GLN A 226 -19.49 32.85 14.92
N TYR A 227 -20.46 32.13 14.38
CA TYR A 227 -21.70 31.90 15.09
C TYR A 227 -21.48 30.90 16.22
N LEU A 228 -20.66 29.88 15.92
CA LEU A 228 -20.30 28.88 16.89
C LEU A 228 -19.63 29.53 18.11
N LYS A 229 -18.71 30.48 17.86
CA LYS A 229 -18.01 31.17 18.94
C LYS A 229 -19.01 32.00 19.77
N GLU A 230 -20.00 32.61 19.10
CA GLU A 230 -21.04 33.40 19.73
C GLU A 230 -21.87 32.50 20.68
N LEU A 231 -22.30 31.35 20.20
CA LEU A 231 -23.12 30.45 21.01
C LEU A 231 -22.28 29.93 22.19
N SER A 232 -21.02 29.61 21.91
CA SER A 232 -20.08 29.17 22.93
C SER A 232 -20.00 30.20 24.05
N GLU A 233 -19.93 31.48 23.68
CA GLU A 233 -19.80 32.54 24.66
C GLU A 233 -21.16 32.78 25.35
N LYS A 234 -22.26 32.63 24.61
CA LYS A 234 -23.57 32.80 25.22
C LYS A 234 -23.77 31.79 26.36
N TYR A 235 -23.47 30.50 26.10
CA TYR A 235 -23.85 29.46 27.04
C TYR A 235 -22.70 29.14 27.99
N ASN A 236 -21.53 29.75 27.76
CA ASN A 236 -20.31 29.40 28.46
C ASN A 236 -20.03 27.90 28.29
N LYS A 237 -20.06 27.45 27.04
CA LYS A 237 -19.76 26.06 26.73
C LYS A 237 -18.71 26.07 25.64
N THR A 238 -18.03 24.95 25.44
CA THR A 238 -17.06 24.84 24.37
C THR A 238 -17.81 24.80 23.04
N GLU A 239 -17.11 25.14 21.96
CA GLU A 239 -17.64 25.03 20.62
C GLU A 239 -18.02 23.57 20.34
N ALA A 240 -17.23 22.61 20.84
CA ALA A 240 -17.49 21.21 20.60
C ALA A 240 -18.82 20.81 21.25
N GLN A 241 -19.04 21.27 22.49
CA GLN A 241 -20.27 21.01 23.21
C GLN A 241 -21.46 21.52 22.40
N VAL A 242 -21.33 22.74 21.83
CA VAL A 242 -22.43 23.33 21.07
C VAL A 242 -22.74 22.44 19.86
N LEU A 243 -21.71 22.02 19.14
CA LEU A 243 -21.89 21.14 17.99
C LEU A 243 -22.48 19.80 18.40
N LEU A 244 -22.04 19.28 19.56
CA LEU A 244 -22.53 17.99 20.00
C LEU A 244 -23.99 18.11 20.35
N LEU A 245 -24.38 19.23 21.01
CA LEU A 245 -25.77 19.39 21.37
C LEU A 245 -26.63 19.56 20.12
N TRP A 246 -26.11 20.32 19.17
CA TRP A 246 -26.79 20.52 17.90
C TRP A 246 -27.19 19.17 17.30
N VAL A 247 -26.25 18.20 17.31
CA VAL A 247 -26.50 16.91 16.67
C VAL A 247 -27.71 16.28 17.36
N TYR A 248 -27.70 16.35 18.69
CA TYR A 248 -28.79 15.85 19.51
C TYR A 248 -30.10 16.52 19.14
N LYS A 249 -30.09 17.85 18.94
CA LYS A 249 -31.32 18.58 18.61
C LYS A 249 -31.84 18.21 17.20
N ARG A 250 -30.98 17.68 16.36
CA ARG A 250 -31.39 17.17 15.06
C ARG A 250 -31.94 15.75 15.19
N GLY A 251 -31.99 15.24 16.43
CA GLY A 251 -32.55 13.93 16.72
C GLY A 251 -31.57 12.80 16.45
N ILE A 252 -30.27 13.13 16.47
CA ILE A 252 -29.21 12.20 16.12
C ILE A 252 -28.27 12.07 17.32
N LEU A 253 -27.71 10.88 17.51
CA LEU A 253 -26.85 10.56 18.64
C LEU A 253 -25.39 10.84 18.28
N PRO A 254 -24.79 11.90 18.84
CA PRO A 254 -23.40 12.24 18.53
C PRO A 254 -22.44 11.24 19.17
N VAL A 255 -21.50 10.74 18.37
CA VAL A 255 -20.51 9.81 18.84
C VAL A 255 -19.15 10.49 18.72
N THR A 256 -18.55 10.79 19.88
CA THR A 256 -17.35 11.62 19.86
C THR A 256 -16.25 10.96 20.70
N THR A 257 -15.02 11.42 20.50
CA THR A 257 -13.93 10.94 21.33
C THR A 257 -12.89 12.04 21.48
N SER A 258 -12.12 11.95 22.56
CA SER A 258 -11.15 12.96 22.91
C SER A 258 -9.91 12.29 23.46
N ALA A 259 -8.80 13.01 23.39
CA ALA A 259 -7.57 12.60 24.01
C ALA A 259 -7.57 12.98 25.49
N LYS A 260 -8.48 13.88 25.90
CA LYS A 260 -8.39 14.53 27.20
C LYS A 260 -9.66 14.29 27.99
N ILE A 261 -9.51 13.94 29.27
CA ILE A 261 -10.65 13.59 30.12
C ILE A 261 -11.56 14.81 30.29
N GLU A 262 -11.00 16.03 30.26
CA GLU A 262 -11.81 17.24 30.42
C GLU A 262 -12.81 17.32 29.26
N ARG A 263 -12.36 16.94 28.08
CA ARG A 263 -13.19 17.00 26.89
C ARG A 263 -14.25 15.91 26.95
N ILE A 264 -13.90 14.75 27.49
CA ILE A 264 -14.84 13.65 27.60
C ILE A 264 -15.96 14.02 28.59
N LYS A 265 -15.59 14.65 29.71
CA LYS A 265 -16.58 15.05 30.69
C LYS A 265 -17.49 16.14 30.11
N GLN A 266 -16.92 17.05 29.33
CA GLN A 266 -17.69 18.12 28.72
C GLN A 266 -18.72 17.51 27.76
N ALA A 267 -18.30 16.46 27.02
CA ALA A 267 -19.20 15.81 26.07
C ALA A 267 -20.40 15.20 26.80
N GLN A 268 -20.15 14.57 27.94
CA GLN A 268 -21.21 13.90 28.68
C GLN A 268 -22.15 14.96 29.26
N ASP A 269 -21.66 16.21 29.41
CA ASP A 269 -22.35 17.25 30.15
C ASP A 269 -23.09 18.22 29.21
N ILE A 270 -23.25 17.85 27.93
CA ILE A 270 -23.91 18.73 26.96
C ILE A 270 -25.39 18.95 27.33
N PHE A 271 -25.97 18.10 28.18
CA PHE A 271 -27.39 18.21 28.48
C PHE A 271 -27.60 19.15 29.64
N SER A 272 -26.52 19.86 30.06
CA SER A 272 -26.59 20.92 31.05
C SER A 272 -27.03 22.25 30.42
N PHE A 273 -27.17 22.30 29.08
CA PHE A 273 -27.76 23.48 28.46
C PHE A 273 -28.65 23.07 27.29
N ASP A 274 -29.21 24.05 26.60
CA ASP A 274 -30.19 23.80 25.57
C ASP A 274 -30.07 24.89 24.50
N LEU A 275 -30.15 24.49 23.23
CA LEU A 275 -30.19 25.44 22.13
C LEU A 275 -31.66 25.73 21.79
N THR A 276 -31.94 26.96 21.37
CA THR A 276 -33.25 27.31 20.88
C THR A 276 -33.44 26.76 19.46
N GLU A 277 -34.70 26.56 19.08
CA GLU A 277 -35.04 26.15 17.72
C GLU A 277 -34.36 27.09 16.73
N GLU A 278 -34.35 28.39 17.03
CA GLU A 278 -33.74 29.38 16.14
C GLU A 278 -32.24 29.09 16.00
N GLU A 279 -31.57 28.81 17.12
CA GLU A 279 -30.14 28.54 17.10
C GLU A 279 -29.85 27.24 16.33
N VAL A 280 -30.68 26.20 16.51
CA VAL A 280 -30.45 24.92 15.84
C VAL A 280 -30.52 25.14 14.33
N LYS A 281 -31.52 25.92 13.90
CA LYS A 281 -31.75 26.13 12.49
C LYS A 281 -30.61 26.96 11.88
N LYS A 282 -30.02 27.87 12.65
CA LYS A 282 -28.94 28.70 12.12
C LYS A 282 -27.68 27.87 11.95
N ILE A 283 -27.38 26.99 12.92
CA ILE A 283 -26.24 26.10 12.77
C ILE A 283 -26.45 25.24 11.51
N THR A 284 -27.64 24.69 11.36
CA THR A 284 -27.98 23.86 10.21
C THR A 284 -27.71 24.63 8.91
N ASP A 285 -28.24 25.85 8.84
CA ASP A 285 -28.25 26.64 7.61
C ASP A 285 -26.83 27.11 7.29
N LEU A 286 -26.08 27.56 8.31
CA LEU A 286 -24.72 28.01 8.06
C LEU A 286 -23.86 26.83 7.69
N GLY A 287 -24.13 25.67 8.31
CA GLY A 287 -23.49 24.44 7.91
C GLY A 287 -23.72 24.11 6.43
N LEU A 288 -25.00 24.09 6.02
CA LEU A 288 -25.36 23.65 4.66
C LEU A 288 -24.66 24.52 3.60
N GLN A 289 -24.32 25.77 3.95
CA GLN A 289 -23.69 26.70 3.02
C GLN A 289 -22.23 26.34 2.80
N HIS A 290 -21.67 25.57 3.72
CA HIS A 290 -20.27 25.21 3.66
C HIS A 290 -20.09 24.02 2.72
N GLU A 291 -18.92 23.96 2.09
CA GLU A 291 -18.57 22.81 1.28
C GLU A 291 -18.45 21.59 2.19
N PRO A 292 -18.88 20.39 1.73
CA PRO A 292 -18.80 19.19 2.55
C PRO A 292 -17.38 18.86 2.99
N VAL A 293 -17.28 18.41 4.23
CA VAL A 293 -16.08 17.81 4.76
C VAL A 293 -16.43 16.37 5.13
N ARG A 294 -15.71 15.43 4.50
CA ARG A 294 -15.90 14.01 4.74
C ARG A 294 -14.59 13.40 5.21
N LEU A 295 -14.61 12.75 6.38
CA LEU A 295 -13.39 12.21 6.96
C LEU A 295 -13.37 10.67 6.93
N TRP A 296 -14.52 10.03 6.64
CA TRP A 296 -14.63 8.58 6.70
C TRP A 296 -15.27 8.03 5.42
N HIS A 297 -14.93 6.78 5.09
CA HIS A 297 -15.45 6.11 3.90
C HIS A 297 -15.21 6.97 2.67
N VAL A 298 -14.05 7.64 2.62
CA VAL A 298 -13.81 8.74 1.70
C VAL A 298 -13.73 8.21 0.27
N ASP A 299 -13.12 7.02 0.09
CA ASP A 299 -12.91 6.49 -1.25
C ASP A 299 -14.24 6.03 -1.85
N PHE A 300 -15.18 5.63 -1.00
CA PHE A 300 -16.45 5.10 -1.46
C PHE A 300 -17.44 6.23 -1.71
N TYR A 301 -17.42 7.26 -0.85
CA TYR A 301 -18.56 8.17 -0.75
C TYR A 301 -18.19 9.58 -1.18
N THR A 302 -16.97 9.79 -1.68
CA THR A 302 -16.62 11.07 -2.25
C THR A 302 -17.61 11.40 -3.38
N LYS A 303 -18.06 10.36 -4.10
CA LYS A 303 -18.94 10.53 -5.25
C LYS A 303 -20.31 11.10 -4.82
N TYR A 304 -20.59 11.12 -3.50
CA TYR A 304 -21.85 11.63 -3.00
C TYR A 304 -21.66 13.01 -2.37
N ASN A 305 -20.48 13.62 -2.56
CA ASN A 305 -20.22 14.92 -1.96
C ASN A 305 -21.23 15.96 -2.48
N SER A 306 -21.69 15.81 -3.73
CA SER A 306 -22.59 16.79 -4.32
C SER A 306 -23.97 16.77 -3.67
N GLU A 307 -24.37 15.65 -3.04
CA GLU A 307 -25.69 15.56 -2.43
C GLU A 307 -25.61 15.76 -0.92
N ALA A 308 -24.39 15.95 -0.39
CA ALA A 308 -24.14 15.79 1.03
C ALA A 308 -24.74 16.95 1.82
N GLN A 309 -24.77 18.14 1.21
CA GLN A 309 -25.30 19.32 1.85
C GLN A 309 -26.64 19.69 1.22
N LYS A 310 -27.35 18.68 0.72
CA LYS A 310 -28.58 18.86 -0.05
C LYS A 310 -29.72 18.11 0.65
N ASN B 3 21.17 21.81 37.42
CA ASN B 3 20.23 20.68 37.19
C ASN B 3 20.55 20.05 35.82
N GLN B 4 20.27 20.80 34.74
CA GLN B 4 20.14 20.21 33.42
C GLN B 4 21.52 19.82 32.88
N LYS B 5 21.59 18.64 32.25
CA LYS B 5 22.82 18.12 31.69
C LYS B 5 22.83 18.29 30.18
N PHE B 6 24.03 18.43 29.62
CA PHE B 6 24.23 18.58 28.19
C PHE B 6 25.30 17.60 27.73
N PHE B 7 25.24 17.25 26.45
CA PHE B 7 26.39 16.64 25.78
C PHE B 7 27.15 17.74 25.06
N THR B 8 28.47 17.59 25.01
CA THR B 8 29.30 18.42 24.16
C THR B 8 29.60 17.66 22.88
N LEU B 9 29.21 18.24 21.74
CA LEU B 9 29.49 17.64 20.45
C LEU B 9 30.93 17.97 20.04
N SER B 10 31.39 17.31 18.98
CA SER B 10 32.80 17.32 18.60
C SER B 10 33.23 18.69 18.10
N ASN B 11 32.26 19.58 17.84
CA ASN B 11 32.54 20.94 17.41
C ASN B 11 32.45 21.91 18.61
N GLY B 12 32.20 21.37 19.80
CA GLY B 12 32.18 22.17 21.01
C GLY B 12 30.79 22.69 21.37
N ASN B 13 29.79 22.44 20.54
CA ASN B 13 28.44 22.94 20.81
C ASN B 13 27.77 22.03 21.82
N LYS B 14 26.83 22.59 22.58
CA LYS B 14 26.15 21.85 23.63
C LYS B 14 24.73 21.46 23.19
N ILE B 15 24.32 20.24 23.57
CA ILE B 15 23.00 19.73 23.22
C ILE B 15 22.37 19.18 24.49
N PRO B 16 21.12 19.56 24.83
CA PRO B 16 20.45 19.04 26.02
C PRO B 16 20.41 17.52 25.97
N ALA B 17 20.68 16.86 27.09
CA ALA B 17 21.03 15.45 27.10
C ALA B 17 19.78 14.56 27.16
N VAL B 18 18.60 15.16 27.09
CA VAL B 18 17.39 14.42 26.82
C VAL B 18 16.49 15.27 25.95
N ALA B 19 15.91 14.66 24.92
CA ALA B 19 14.87 15.29 24.13
C ALA B 19 13.51 14.78 24.59
N VAL B 20 12.65 15.68 25.06
CA VAL B 20 11.49 15.31 25.83
C VAL B 20 10.20 15.53 25.01
N VAL B 21 10.32 16.31 23.92
CA VAL B 21 9.19 16.73 23.10
C VAL B 21 9.41 16.21 21.69
N GLY B 22 8.50 15.36 21.22
CA GLY B 22 8.60 14.82 19.88
C GLY B 22 7.32 15.11 19.10
N VAL B 23 7.46 15.32 17.79
CA VAL B 23 6.31 15.64 16.96
C VAL B 23 6.16 14.57 15.89
N GLY B 24 6.71 13.38 16.18
CA GLY B 24 6.56 12.23 15.31
C GLY B 24 5.23 11.50 15.55
N THR B 25 4.63 11.69 16.72
CA THR B 25 3.40 10.99 17.07
C THR B 25 2.28 12.00 17.24
N LYS B 26 1.11 11.70 16.68
CA LYS B 26 0.00 12.63 16.81
C LYS B 26 -1.31 11.87 16.97
N TRP B 27 -2.35 12.66 17.28
CA TRP B 27 -3.69 12.18 17.53
C TRP B 27 -4.63 12.85 16.53
N ALA B 28 -5.18 12.04 15.63
CA ALA B 28 -6.03 12.52 14.56
C ALA B 28 -7.25 11.60 14.44
N HIS B 29 -8.43 12.17 14.67
CA HIS B 29 -9.69 11.45 14.58
C HIS B 29 -10.21 11.55 13.14
N ALA B 30 -9.60 10.75 12.26
CA ALA B 30 -9.98 10.73 10.86
C ALA B 30 -9.43 9.44 10.22
N GLU B 31 -10.09 9.00 9.14
CA GLU B 31 -9.65 7.84 8.38
C GLU B 31 -8.17 7.98 8.01
N GLU B 32 -7.79 9.17 7.51
CA GLU B 32 -6.46 9.44 7.00
C GLU B 32 -5.81 10.57 7.81
N THR B 33 -4.90 10.20 8.71
CA THR B 33 -4.47 11.09 9.77
C THR B 33 -3.66 12.26 9.18
N ASP B 34 -2.83 11.97 8.17
CA ASP B 34 -1.99 12.98 7.55
C ASP B 34 -2.84 14.21 7.19
N ALA B 35 -3.98 13.97 6.56
CA ALA B 35 -4.89 15.03 6.15
C ALA B 35 -5.03 16.07 7.26
N THR B 36 -5.42 15.62 8.46
CA THR B 36 -5.88 16.53 9.50
C THR B 36 -4.69 17.14 10.25
N PHE B 37 -4.96 18.28 10.86
CA PHE B 37 -4.05 18.96 11.75
C PHE B 37 -4.40 18.55 13.18
N SER B 38 -3.39 18.15 13.96
CA SER B 38 -3.63 17.65 15.32
C SER B 38 -3.49 18.80 16.33
N GLN B 39 -4.64 19.31 16.77
CA GLN B 39 -4.68 20.37 17.78
C GLN B 39 -4.07 19.83 19.06
N GLU B 40 -4.23 18.53 19.28
CA GLU B 40 -3.76 17.88 20.50
C GLU B 40 -2.23 17.90 20.55
N LEU B 41 -1.59 17.65 19.41
CA LEU B 41 -0.15 17.70 19.34
C LEU B 41 0.36 19.13 19.57
N THR B 42 -0.26 20.11 18.92
CA THR B 42 0.25 21.47 19.03
C THR B 42 0.10 21.93 20.47
N ASP B 43 -0.96 21.49 21.15
CA ASP B 43 -1.24 21.88 22.54
C ASP B 43 -0.14 21.34 23.48
N ILE B 44 0.23 20.07 23.33
CA ILE B 44 1.19 19.48 24.22
C ILE B 44 2.58 20.09 23.97
N VAL B 45 2.90 20.38 22.70
CA VAL B 45 4.17 21.00 22.36
C VAL B 45 4.23 22.40 22.99
N LYS B 46 3.18 23.19 22.80
CA LYS B 46 3.15 24.54 23.32
C LYS B 46 3.26 24.50 24.84
N LEU B 47 2.48 23.62 25.48
CA LEU B 47 2.45 23.53 26.93
C LEU B 47 3.84 23.13 27.46
N SER B 48 4.52 22.22 26.74
CA SER B 48 5.84 21.74 27.12
C SER B 48 6.86 22.88 27.03
N LEU B 49 6.76 23.67 25.97
CA LEU B 49 7.67 24.78 25.75
C LEU B 49 7.44 25.85 26.82
N ASP B 50 6.17 26.06 27.18
CA ASP B 50 5.83 27.14 28.08
C ASP B 50 6.27 26.85 29.51
N THR B 51 6.39 25.56 29.87
CA THR B 51 6.35 25.19 31.27
C THR B 51 7.52 24.28 31.69
N VAL B 52 8.11 23.53 30.75
CA VAL B 52 9.18 22.64 31.13
C VAL B 52 10.42 23.48 31.44
N PRO B 53 11.00 23.32 32.65
CA PRO B 53 12.23 24.03 33.01
C PRO B 53 13.42 23.70 32.12
N GLY B 54 14.21 24.73 31.81
CA GLY B 54 15.48 24.56 31.17
C GLY B 54 15.39 24.67 29.65
N ILE B 55 16.45 24.26 28.98
CA ILE B 55 16.42 24.20 27.53
C ILE B 55 15.63 22.97 27.11
N VAL B 56 14.61 23.18 26.27
CA VAL B 56 13.71 22.12 25.89
C VAL B 56 14.09 21.63 24.49
N HIS B 57 14.43 20.35 24.39
CA HIS B 57 14.93 19.76 23.15
C HIS B 57 13.76 19.09 22.42
N ILE B 58 13.46 19.61 21.21
CA ILE B 58 12.36 19.13 20.38
C ILE B 58 12.94 18.26 19.26
N ASP B 59 12.27 17.12 18.99
CA ASP B 59 12.70 16.27 17.89
C ASP B 59 11.62 16.27 16.81
N ALA B 60 11.97 16.80 15.64
CA ALA B 60 11.03 16.94 14.52
C ALA B 60 11.66 16.32 13.27
N ALA B 61 10.87 16.20 12.18
CA ALA B 61 11.33 15.55 10.97
C ALA B 61 10.39 15.88 9.80
N GLU B 62 10.98 16.14 8.64
CA GLU B 62 10.24 16.39 7.42
C GLU B 62 9.20 15.30 7.16
N MET B 63 9.59 14.05 7.42
CA MET B 63 8.76 12.90 7.09
C MET B 63 7.55 12.79 8.02
N TYR B 64 7.57 13.46 9.17
CA TYR B 64 6.48 13.36 10.13
C TYR B 64 5.24 14.13 9.68
N LYS B 65 5.47 15.13 8.82
CA LYS B 65 4.40 15.96 8.27
C LYS B 65 3.65 16.65 9.41
N THR B 66 4.39 17.16 10.39
CA THR B 66 3.81 17.88 11.52
C THR B 66 4.45 19.25 11.70
N TYR B 67 5.04 19.81 10.64
CA TYR B 67 5.60 21.15 10.74
C TYR B 67 4.51 22.14 11.12
N PRO B 68 3.27 21.98 10.59
CA PRO B 68 2.18 22.91 10.94
C PRO B 68 1.85 22.93 12.42
N GLU B 69 1.86 21.75 13.07
CA GLU B 69 1.57 21.66 14.49
C GLU B 69 2.71 22.30 15.28
N LEU B 70 3.94 21.98 14.88
CA LEU B 70 5.11 22.50 15.57
C LEU B 70 5.21 24.00 15.38
N GLY B 71 5.01 24.45 14.13
CA GLY B 71 5.05 25.86 13.80
C GLY B 71 4.05 26.67 14.63
N ALA B 72 2.85 26.12 14.81
CA ALA B 72 1.81 26.81 15.56
C ALA B 72 2.22 26.97 17.03
N ALA B 73 2.91 25.95 17.57
CA ALA B 73 3.38 26.01 18.95
C ALA B 73 4.54 27.00 19.10
N LEU B 74 5.49 26.99 18.15
CA LEU B 74 6.65 27.88 18.22
C LEU B 74 6.22 29.34 18.10
N LYS B 75 5.15 29.55 17.33
CA LYS B 75 4.63 30.88 17.08
C LYS B 75 3.98 31.44 18.35
N GLU B 76 3.34 30.57 19.13
CA GLU B 76 2.49 31.03 20.21
C GLU B 76 3.19 30.90 21.56
N THR B 77 4.29 30.12 21.61
CA THR B 77 4.94 29.81 22.89
C THR B 77 5.49 31.08 23.53
N LYS B 78 5.53 31.08 24.86
CA LYS B 78 6.19 32.14 25.61
C LYS B 78 7.69 31.86 25.73
N LYS B 79 8.10 30.65 25.32
CA LYS B 79 9.47 30.19 25.50
C LYS B 79 10.38 30.94 24.52
N PRO B 80 11.45 31.60 25.00
CA PRO B 80 12.44 32.22 24.11
C PRO B 80 13.15 31.17 23.24
N ARG B 81 13.43 31.56 21.99
CA ARG B 81 14.13 30.71 21.03
C ARG B 81 15.40 30.10 21.62
N GLU B 82 16.13 30.89 22.42
CA GLU B 82 17.40 30.45 22.98
C GLU B 82 17.19 29.32 23.98
N GLU B 83 15.94 29.10 24.43
CA GLU B 83 15.69 28.06 25.41
C GLU B 83 15.04 26.84 24.73
N ILE B 84 15.14 26.80 23.39
CA ILE B 84 14.61 25.70 22.60
C ILE B 84 15.76 25.14 21.76
N PHE B 85 15.88 23.81 21.73
CA PHE B 85 16.81 23.14 20.86
C PHE B 85 16.00 22.31 19.86
N ILE B 86 16.07 22.69 18.58
CA ILE B 86 15.24 22.10 17.56
C ILE B 86 16.08 21.16 16.72
N THR B 87 15.70 19.88 16.75
CA THR B 87 16.26 18.89 15.86
C THR B 87 15.31 18.67 14.70
N ASP B 88 15.82 18.78 13.47
CA ASP B 88 15.04 18.51 12.28
C ASP B 88 15.80 17.53 11.40
N LYS B 89 15.10 16.93 10.42
CA LYS B 89 15.61 15.79 9.68
C LYS B 89 15.08 15.81 8.25
N PHE B 90 15.99 15.78 7.30
CA PHE B 90 15.66 15.67 5.88
C PHE B 90 15.18 14.26 5.58
N SER B 91 14.03 14.17 4.92
CA SER B 91 13.43 12.88 4.62
C SER B 91 14.09 12.29 3.37
N SER B 92 15.02 11.37 3.60
CA SER B 92 15.75 10.71 2.52
C SER B 92 15.08 9.38 2.14
N LEU B 93 14.32 8.80 3.08
CA LEU B 93 13.66 7.52 2.84
C LEU B 93 12.47 7.72 1.91
N HIS B 94 11.66 8.76 2.19
CA HIS B 94 10.47 9.09 1.41
C HIS B 94 10.59 10.54 0.93
N LYS B 95 10.84 10.71 -0.36
CA LYS B 95 11.13 12.01 -0.92
C LYS B 95 9.95 12.96 -0.71
N ILE B 96 10.23 14.10 -0.09
CA ILE B 96 9.25 15.17 0.05
C ILE B 96 9.82 16.43 -0.60
N SER B 97 11.13 16.62 -0.47
CA SER B 97 11.86 17.70 -1.11
C SER B 97 12.97 17.13 -1.98
N GLU B 98 13.58 17.97 -2.82
CA GLU B 98 14.59 17.51 -3.75
C GLU B 98 15.86 17.19 -2.98
N ASP B 99 16.17 18.01 -1.98
CA ASP B 99 17.48 17.95 -1.36
C ASP B 99 17.38 18.62 0.00
N PRO B 100 18.39 18.43 0.87
CA PRO B 100 18.41 19.08 2.19
C PRO B 100 18.23 20.60 2.17
N LYS B 101 18.90 21.29 1.23
CA LYS B 101 18.77 22.74 1.11
C LYS B 101 17.30 23.14 1.09
N SER B 102 16.56 22.58 0.14
CA SER B 102 15.17 22.92 -0.11
C SER B 102 14.29 22.49 1.07
N ALA B 103 14.56 21.30 1.61
CA ALA B 103 13.80 20.77 2.75
C ALA B 103 13.88 21.73 3.93
N LEU B 104 15.09 22.15 4.29
CA LEU B 104 15.26 22.97 5.47
C LEU B 104 14.62 24.34 5.25
N GLU B 105 14.83 24.89 4.05
CA GLU B 105 14.26 26.17 3.70
C GLU B 105 12.73 26.12 3.89
N THR B 106 12.10 25.05 3.38
CA THR B 106 10.68 24.83 3.58
C THR B 106 10.35 24.77 5.07
N ALA B 107 11.16 24.01 5.82
CA ALA B 107 10.89 23.76 7.23
C ALA B 107 10.98 25.06 8.03
N LEU B 108 12.02 25.85 7.77
CA LEU B 108 12.23 27.10 8.49
C LEU B 108 11.04 28.03 8.24
N ASN B 109 10.57 28.09 6.97
CA ASN B 109 9.45 28.93 6.59
C ASN B 109 8.17 28.48 7.30
N LYS B 110 7.95 27.17 7.41
CA LYS B 110 6.76 26.65 8.07
C LYS B 110 6.87 26.82 9.59
N LEU B 111 8.09 26.70 10.13
CA LEU B 111 8.25 26.66 11.58
C LEU B 111 8.31 28.08 12.13
N GLY B 112 8.62 29.05 11.26
CA GLY B 112 8.83 30.42 11.67
C GLY B 112 10.09 30.61 12.50
N VAL B 113 11.16 29.88 12.13
CA VAL B 113 12.46 30.06 12.77
C VAL B 113 13.50 30.29 11.69
N ASP B 114 14.66 30.81 12.10
CA ASP B 114 15.69 31.21 11.16
C ASP B 114 16.80 30.15 11.10
N TYR B 115 16.79 29.21 12.05
CA TYR B 115 17.75 28.12 12.03
C TYR B 115 17.20 26.96 12.85
N VAL B 116 17.77 25.78 12.63
CA VAL B 116 17.54 24.65 13.51
C VAL B 116 18.84 24.33 14.21
N ASP B 117 18.74 23.71 15.38
CA ASP B 117 19.88 23.49 16.24
C ASP B 117 20.64 22.25 15.79
N LEU B 118 19.93 21.32 15.15
CA LEU B 118 20.53 20.09 14.66
C LEU B 118 19.76 19.63 13.43
N TYR B 119 20.48 19.40 12.31
CA TYR B 119 19.85 18.88 11.11
C TYR B 119 20.46 17.52 10.74
N LEU B 120 19.59 16.50 10.57
CA LEU B 120 20.01 15.13 10.29
C LEU B 120 19.51 14.66 8.94
N ILE B 121 20.29 13.80 8.29
CA ILE B 121 19.80 12.94 7.22
C ILE B 121 19.07 11.75 7.86
N HIS B 122 17.79 11.57 7.53
CA HIS B 122 16.91 10.72 8.34
C HIS B 122 17.20 9.23 8.13
N SER B 123 17.70 8.87 6.97
CA SER B 123 17.93 7.47 6.61
C SER B 123 19.05 7.37 5.60
N PRO B 124 19.83 6.28 5.63
CA PRO B 124 20.79 5.99 4.59
C PRO B 124 20.13 5.33 3.37
N PHE B 125 18.88 4.90 3.51
CA PHE B 125 18.18 4.23 2.41
C PHE B 125 17.47 5.25 1.52
N PHE B 126 18.27 5.96 0.73
CA PHE B 126 17.78 7.03 -0.11
C PHE B 126 16.70 6.52 -1.07
N ASP B 127 15.62 7.31 -1.17
CA ASP B 127 14.54 7.10 -2.12
C ASP B 127 15.13 7.04 -3.54
N LYS B 128 14.61 6.12 -4.35
CA LYS B 128 14.98 6.01 -5.75
C LYS B 128 14.61 7.27 -6.53
N ASP B 129 13.64 8.05 -6.01
CA ASP B 129 13.13 9.23 -6.72
C ASP B 129 14.03 10.44 -6.47
N LEU B 130 14.90 10.38 -5.44
CA LEU B 130 15.84 11.48 -5.21
C LEU B 130 16.87 11.52 -6.34
N ASN B 131 17.26 12.75 -6.72
CA ASN B 131 18.30 12.96 -7.72
C ASN B 131 19.62 13.37 -7.04
N ILE B 132 19.79 12.93 -5.79
CA ILE B 132 20.94 13.27 -4.98
C ILE B 132 21.36 12.01 -4.21
N ASP B 133 22.66 11.84 -4.01
CA ASP B 133 23.16 10.72 -3.24
C ASP B 133 23.68 11.23 -1.89
N LEU B 134 24.21 10.32 -1.08
CA LEU B 134 24.57 10.65 0.29
C LEU B 134 25.68 11.70 0.33
N GLU B 135 26.70 11.53 -0.53
CA GLU B 135 27.85 12.42 -0.53
C GLU B 135 27.39 13.85 -0.80
N THR B 136 26.53 14.00 -1.81
CA THR B 136 26.00 15.29 -2.21
C THR B 136 25.09 15.85 -1.12
N ALA B 137 24.27 14.98 -0.52
CA ALA B 137 23.40 15.39 0.56
C ALA B 137 24.22 15.89 1.74
N TRP B 138 25.29 15.17 2.08
CA TRP B 138 26.11 15.57 3.21
C TRP B 138 26.75 16.94 2.95
N LYS B 139 27.27 17.16 1.73
CA LYS B 139 27.86 18.44 1.35
C LYS B 139 26.85 19.58 1.50
N GLN B 140 25.58 19.31 1.22
CA GLN B 140 24.57 20.32 1.41
C GLN B 140 24.43 20.63 2.90
N LEU B 141 24.48 19.59 3.76
CA LEU B 141 24.40 19.83 5.19
C LEU B 141 25.60 20.67 5.64
N GLU B 142 26.77 20.41 5.05
CA GLU B 142 27.96 21.17 5.39
C GLU B 142 27.75 22.65 5.03
N GLU B 143 27.08 22.92 3.91
CA GLU B 143 26.81 24.29 3.51
C GLU B 143 25.82 24.95 4.49
N LEU B 144 24.75 24.21 4.87
CA LEU B 144 23.78 24.76 5.80
C LEU B 144 24.45 25.07 7.15
N TYR B 145 25.37 24.20 7.57
CA TYR B 145 26.13 24.42 8.78
C TYR B 145 26.94 25.72 8.68
N LYS B 146 27.67 25.88 7.58
CA LYS B 146 28.55 27.04 7.41
C LYS B 146 27.73 28.32 7.26
N SER B 147 26.52 28.23 6.70
CA SER B 147 25.64 29.37 6.54
C SER B 147 24.94 29.72 7.86
N GLY B 148 24.91 28.76 8.79
CA GLY B 148 24.34 28.97 10.11
C GLY B 148 22.84 28.62 10.19
N LYS B 149 22.32 27.98 9.14
CA LYS B 149 20.93 27.57 9.13
C LYS B 149 20.75 26.28 9.92
N ALA B 150 21.81 25.47 9.97
CA ALA B 150 21.85 24.34 10.88
C ALA B 150 23.08 24.48 11.76
N LYS B 151 22.86 24.62 13.06
CA LYS B 151 23.95 24.90 13.98
C LYS B 151 24.79 23.65 14.17
N ASN B 152 24.15 22.48 14.05
CA ASN B 152 24.82 21.20 14.12
C ASN B 152 24.23 20.28 13.08
N ILE B 153 25.02 19.31 12.60
CA ILE B 153 24.60 18.45 11.51
C ILE B 153 24.97 17.01 11.86
N GLY B 154 24.13 16.06 11.41
CA GLY B 154 24.44 14.66 11.52
C GLY B 154 23.49 13.78 10.71
N VAL B 155 23.28 12.55 11.20
CA VAL B 155 22.63 11.50 10.44
C VAL B 155 21.75 10.71 11.40
N SER B 156 20.96 9.79 10.83
CA SER B 156 20.06 8.96 11.59
C SER B 156 19.92 7.58 10.93
N ASN B 157 19.99 6.54 11.77
CA ASN B 157 19.79 5.15 11.35
C ASN B 157 20.93 4.71 10.43
N PHE B 158 22.10 5.30 10.60
CA PHE B 158 23.25 4.95 9.77
C PHE B 158 23.99 3.77 10.37
N THR B 159 24.44 2.87 9.50
CA THR B 159 25.32 1.78 9.88
C THR B 159 26.76 2.27 9.92
N VAL B 160 27.65 1.42 10.38
CA VAL B 160 29.07 1.75 10.37
C VAL B 160 29.51 2.06 8.93
N GLU B 161 29.03 1.29 7.95
CA GLU B 161 29.47 1.46 6.57
C GLU B 161 28.98 2.81 6.02
N ASP B 162 27.77 3.21 6.40
CA ASP B 162 27.21 4.46 5.94
C ASP B 162 27.99 5.64 6.53
N LEU B 163 28.34 5.56 7.83
CA LEU B 163 29.10 6.60 8.49
C LEU B 163 30.46 6.76 7.80
N LYS B 164 31.10 5.63 7.48
CA LYS B 164 32.40 5.64 6.80
C LYS B 164 32.31 6.36 5.46
N LYS B 165 31.20 6.17 4.74
CA LYS B 165 30.99 6.87 3.48
C LYS B 165 31.02 8.38 3.72
N VAL B 166 30.36 8.82 4.79
CA VAL B 166 30.31 10.23 5.11
C VAL B 166 31.72 10.69 5.53
N LEU B 167 32.35 9.93 6.42
CA LEU B 167 33.64 10.35 6.97
C LEU B 167 34.66 10.53 5.84
N ALA B 168 34.52 9.74 4.77
CA ALA B 168 35.53 9.69 3.72
C ALA B 168 35.56 11.00 2.93
N ILE B 169 34.44 11.75 2.94
CA ILE B 169 34.31 12.93 2.09
C ILE B 169 34.04 14.16 2.94
N ALA B 170 33.84 13.97 4.25
CA ALA B 170 33.37 15.04 5.12
C ALA B 170 34.44 16.11 5.31
N GLU B 171 34.05 17.36 5.08
CA GLU B 171 34.74 18.54 5.59
C GLU B 171 34.40 18.72 7.06
N ILE B 172 33.09 18.63 7.36
CA ILE B 172 32.60 18.68 8.72
C ILE B 172 32.16 17.28 9.12
N LYS B 173 32.78 16.76 10.19
CA LYS B 173 32.51 15.42 10.67
C LYS B 173 31.08 15.39 11.24
N PRO B 174 30.27 14.35 10.96
CA PRO B 174 28.92 14.27 11.54
C PRO B 174 28.99 14.24 13.05
N GLN B 175 28.18 15.06 13.68
CA GLN B 175 28.22 15.25 15.11
C GLN B 175 27.28 14.29 15.82
N VAL B 176 26.25 13.80 15.11
CA VAL B 176 25.23 12.97 15.72
C VAL B 176 24.84 11.85 14.76
N ASN B 177 24.56 10.66 15.34
CA ASN B 177 23.88 9.58 14.67
C ASN B 177 22.69 9.15 15.55
N GLN B 178 21.47 9.51 15.13
CA GLN B 178 20.28 9.16 15.91
C GLN B 178 19.81 7.77 15.49
N ILE B 179 19.85 6.84 16.43
CA ILE B 179 19.52 5.46 16.14
C ILE B 179 18.43 5.00 17.12
N GLU B 180 17.76 3.93 16.77
CA GLU B 180 16.92 3.23 17.74
C GLU B 180 17.85 2.49 18.70
N PHE B 181 17.60 2.70 19.98
CA PHE B 181 18.42 2.15 21.01
C PHE B 181 17.60 2.06 22.28
N SER B 182 17.62 0.87 22.88
CA SER B 182 16.94 0.59 24.12
C SER B 182 17.64 -0.59 24.78
N PRO B 183 17.23 -1.00 26.00
CA PRO B 183 17.81 -2.17 26.62
C PRO B 183 17.57 -3.45 25.82
N PHE B 184 16.53 -3.44 24.96
CA PHE B 184 16.21 -4.59 24.12
C PHE B 184 16.67 -4.36 22.68
N LEU B 185 17.46 -3.33 22.44
CA LEU B 185 18.11 -3.21 21.14
C LEU B 185 19.35 -2.35 21.27
N GLN B 186 20.43 -2.98 21.72
CA GLN B 186 21.60 -2.24 22.16
C GLN B 186 22.60 -2.05 21.02
N ASN B 187 22.29 -2.61 19.84
CA ASN B 187 23.01 -2.25 18.63
C ASN B 187 22.06 -2.34 17.43
N GLN B 188 21.52 -1.19 17.01
CA GLN B 188 20.53 -1.14 15.94
C GLN B 188 21.03 -1.93 14.73
N THR B 189 22.26 -1.62 14.34
CA THR B 189 22.98 -2.35 13.32
C THR B 189 24.33 -2.76 13.89
N PRO B 190 25.03 -3.73 13.28
CA PRO B 190 26.20 -4.35 13.89
C PRO B 190 27.31 -3.37 14.30
N GLY B 191 27.60 -3.34 15.60
CA GLY B 191 28.73 -2.61 16.14
C GLY B 191 28.58 -1.09 16.02
N ILE B 192 27.35 -0.61 15.87
CA ILE B 192 27.16 0.82 15.58
C ILE B 192 27.49 1.65 16.82
N VAL B 193 27.14 1.16 18.00
CA VAL B 193 27.28 1.94 19.22
C VAL B 193 28.78 2.15 19.48
N GLU B 194 29.54 1.07 19.42
CA GLU B 194 30.95 1.08 19.72
C GLU B 194 31.68 1.96 18.71
N PHE B 195 31.33 1.81 17.43
CA PHE B 195 31.98 2.57 16.37
C PHE B 195 31.70 4.05 16.54
N SER B 196 30.44 4.40 16.79
CA SER B 196 30.04 5.79 16.90
C SER B 196 30.77 6.46 18.07
N GLN B 197 30.75 5.80 19.22
CA GLN B 197 31.25 6.42 20.46
C GLN B 197 32.77 6.53 20.42
N LYS B 198 33.44 5.54 19.83
CA LYS B 198 34.89 5.60 19.70
C LYS B 198 35.30 6.77 18.81
N ASN B 199 34.44 7.15 17.86
CA ASN B 199 34.78 8.18 16.88
C ASN B 199 34.09 9.50 17.21
N ASP B 200 33.60 9.62 18.43
CA ASP B 200 33.06 10.87 18.94
C ASP B 200 31.94 11.37 18.03
N ILE B 201 31.09 10.45 17.61
CA ILE B 201 29.80 10.78 17.03
C ILE B 201 28.76 10.49 18.09
N LEU B 202 28.10 11.54 18.59
CA LEU B 202 27.11 11.35 19.64
C LEU B 202 25.93 10.55 19.09
N LEU B 203 25.56 9.51 19.82
CA LEU B 203 24.34 8.79 19.55
C LEU B 203 23.18 9.46 20.25
N GLU B 204 22.05 9.58 19.54
CA GLU B 204 20.76 9.73 20.15
C GLU B 204 20.01 8.41 20.09
N ALA B 205 19.17 8.20 21.08
CA ALA B 205 18.41 6.97 21.19
C ALA B 205 16.94 7.28 20.98
N TYR B 206 16.41 6.79 19.85
CA TYR B 206 14.98 6.82 19.58
C TYR B 206 14.32 5.60 20.22
N SER B 207 13.08 5.79 20.67
CA SER B 207 12.29 4.74 21.32
C SER B 207 13.07 4.04 22.42
N PRO B 208 13.75 4.78 23.33
CA PRO B 208 14.47 4.13 24.42
C PRO B 208 13.54 3.44 25.45
N LEU B 209 12.26 3.78 25.42
CA LEU B 209 11.31 3.20 26.36
C LEU B 209 10.49 2.10 25.71
N GLY B 210 11.04 1.50 24.64
CA GLY B 210 10.43 0.34 24.00
C GLY B 210 9.96 -0.70 25.01
N PRO B 211 10.84 -1.18 25.91
CA PRO B 211 10.46 -2.20 26.88
C PRO B 211 9.22 -1.86 27.70
N LEU B 212 8.92 -0.56 27.84
CA LEU B 212 7.90 -0.10 28.76
C LEU B 212 6.58 0.18 28.04
N ALA B 213 6.52 -0.13 26.74
CA ALA B 213 5.34 0.17 25.94
C ALA B 213 4.17 -0.67 26.47
N LYS B 214 4.34 -1.99 26.43
CA LYS B 214 3.50 -2.92 27.16
C LYS B 214 4.38 -4.03 27.73
N LYS B 215 4.58 -3.98 29.06
CA LYS B 215 5.08 -5.11 29.82
C LYS B 215 4.27 -6.36 29.42
N PRO B 216 4.94 -7.43 28.94
CA PRO B 216 4.24 -8.69 28.66
C PRO B 216 3.50 -9.28 29.88
N ALA B 219 4.08 -11.34 32.49
CA ALA B 219 5.34 -11.99 32.90
C ALA B 219 6.22 -11.00 33.68
N ASP B 220 5.79 -10.68 34.91
CA ASP B 220 6.60 -9.92 35.84
C ASP B 220 7.37 -10.89 36.75
N GLN B 221 7.64 -12.09 36.22
CA GLN B 221 8.64 -12.97 36.79
C GLN B 221 9.97 -12.72 36.07
N GLN B 222 10.11 -11.52 35.49
CA GLN B 222 11.19 -11.24 34.56
C GLN B 222 12.26 -10.40 35.26
N PRO B 223 13.53 -10.88 35.30
CA PRO B 223 14.62 -10.14 35.92
C PRO B 223 14.62 -8.66 35.56
N PHE B 224 14.58 -8.36 34.25
CA PHE B 224 14.71 -6.99 33.77
C PHE B 224 13.70 -6.09 34.46
N TYR B 225 12.43 -6.49 34.43
CA TYR B 225 11.35 -5.65 34.90
C TYR B 225 11.40 -5.56 36.43
N GLN B 226 11.82 -6.65 37.07
CA GLN B 226 11.97 -6.69 38.51
C GLN B 226 12.94 -5.61 38.93
N TYR B 227 14.11 -5.60 38.28
CA TYR B 227 15.19 -4.73 38.69
C TYR B 227 14.78 -3.29 38.45
N LEU B 228 14.17 -3.04 37.29
CA LEU B 228 13.66 -1.72 36.95
C LEU B 228 12.72 -1.22 38.06
N LYS B 229 11.90 -2.14 38.59
CA LYS B 229 10.96 -1.78 39.64
C LYS B 229 11.71 -1.42 40.91
N GLU B 230 12.74 -2.21 41.24
CA GLU B 230 13.54 -1.96 42.44
C GLU B 230 14.19 -0.59 42.36
N LEU B 231 14.85 -0.29 41.24
CA LEU B 231 15.56 0.98 41.10
C LEU B 231 14.57 2.14 41.22
N SER B 232 13.37 1.95 40.66
CA SER B 232 12.31 2.94 40.74
C SER B 232 11.99 3.29 42.19
N GLU B 233 11.96 2.25 43.04
CA GLU B 233 11.62 2.43 44.45
C GLU B 233 12.81 2.98 45.21
N LYS B 234 14.01 2.49 44.90
CA LYS B 234 15.21 3.01 45.52
C LYS B 234 15.23 4.52 45.38
N TYR B 235 15.06 5.02 44.14
CA TYR B 235 15.39 6.40 43.85
C TYR B 235 14.13 7.26 43.99
N ASN B 236 12.96 6.62 44.08
CA ASN B 236 11.65 7.28 44.06
C ASN B 236 11.46 8.04 42.74
N LYS B 237 11.66 7.33 41.64
CA LYS B 237 11.48 7.86 40.29
C LYS B 237 10.72 6.82 39.49
N THR B 238 10.11 7.24 38.37
CA THR B 238 9.42 6.30 37.50
C THR B 238 10.43 5.40 36.79
N GLU B 239 9.96 4.22 36.39
CA GLU B 239 10.78 3.25 35.65
C GLU B 239 11.23 3.85 34.32
N ALA B 240 10.40 4.73 33.75
CA ALA B 240 10.76 5.45 32.55
C ALA B 240 11.95 6.37 32.83
N GLN B 241 11.94 7.05 33.99
CA GLN B 241 13.02 7.97 34.34
C GLN B 241 14.31 7.18 34.53
N VAL B 242 14.20 5.98 35.12
CA VAL B 242 15.37 5.15 35.31
C VAL B 242 15.95 4.75 33.94
N LEU B 243 15.07 4.31 33.04
CA LEU B 243 15.50 3.85 31.72
C LEU B 243 16.09 5.00 30.92
N LEU B 244 15.49 6.20 31.01
CA LEU B 244 16.02 7.35 30.31
C LEU B 244 17.43 7.66 30.83
N LEU B 245 17.59 7.65 32.16
CA LEU B 245 18.86 8.02 32.77
C LEU B 245 19.92 6.97 32.44
N TRP B 246 19.49 5.71 32.37
CA TRP B 246 20.39 4.64 31.96
C TRP B 246 20.96 4.94 30.57
N VAL B 247 20.14 5.48 29.67
CA VAL B 247 20.59 5.72 28.30
C VAL B 247 21.69 6.79 28.36
N TYR B 248 21.42 7.83 29.17
CA TYR B 248 22.34 8.92 29.37
C TYR B 248 23.67 8.37 29.92
N LYS B 249 23.58 7.42 30.86
CA LYS B 249 24.75 6.85 31.50
C LYS B 249 25.55 5.99 30.52
N ARG B 250 24.87 5.49 29.49
CA ARG B 250 25.54 4.79 28.41
C ARG B 250 26.25 5.78 27.49
N GLY B 251 26.13 7.10 27.78
CA GLY B 251 26.74 8.15 26.98
C GLY B 251 25.90 8.50 25.73
N ILE B 252 24.62 8.14 25.79
CA ILE B 252 23.72 8.28 24.66
C ILE B 252 22.59 9.24 25.06
N LEU B 253 22.09 9.99 24.09
CA LEU B 253 21.10 11.01 24.38
C LEU B 253 19.70 10.46 24.13
N PRO B 254 18.88 10.20 25.19
CA PRO B 254 17.55 9.62 24.98
C PRO B 254 16.57 10.60 24.34
N VAL B 255 15.90 10.16 23.28
CA VAL B 255 14.88 10.95 22.62
C VAL B 255 13.54 10.30 22.88
N THR B 256 12.68 11.01 23.61
CA THR B 256 11.45 10.43 24.08
C THR B 256 10.32 11.41 23.82
N THR B 257 9.10 10.89 23.74
CA THR B 257 7.94 11.75 23.71
C THR B 257 6.80 11.08 24.46
N SER B 258 5.82 11.91 24.82
CA SER B 258 4.67 11.45 25.55
C SER B 258 3.49 12.35 25.21
N ALA B 259 2.28 11.80 25.31
CA ALA B 259 1.05 12.60 25.25
C ALA B 259 0.84 13.35 26.57
N LYS B 260 1.57 12.96 27.62
CA LYS B 260 1.28 13.41 28.97
C LYS B 260 2.36 14.38 29.45
N ILE B 261 1.91 15.55 29.94
CA ILE B 261 2.82 16.62 30.30
C ILE B 261 3.67 16.19 31.51
N GLU B 262 3.09 15.36 32.39
CA GLU B 262 3.79 14.92 33.59
C GLU B 262 5.00 14.07 33.19
N ARG B 263 4.84 13.25 32.18
CA ARG B 263 5.92 12.39 31.73
C ARG B 263 6.98 13.21 30.99
N ILE B 264 6.56 14.28 30.30
CA ILE B 264 7.52 15.14 29.63
C ILE B 264 8.37 15.83 30.70
N LYS B 265 7.72 16.35 31.75
CA LYS B 265 8.39 17.01 32.87
C LYS B 265 9.32 16.01 33.58
N GLN B 266 8.88 14.77 33.74
CA GLN B 266 9.68 13.73 34.40
C GLN B 266 10.93 13.41 33.60
N ALA B 267 10.79 13.38 32.28
CA ALA B 267 11.89 13.06 31.40
C ALA B 267 12.94 14.18 31.50
N GLN B 268 12.48 15.43 31.50
CA GLN B 268 13.40 16.55 31.58
C GLN B 268 14.16 16.48 32.90
N ASP B 269 13.56 15.86 33.93
CA ASP B 269 14.07 15.96 35.30
C ASP B 269 14.92 14.73 35.68
N ILE B 270 15.34 13.94 34.71
CA ILE B 270 16.07 12.71 35.04
C ILE B 270 17.39 13.05 35.74
N PHE B 271 17.87 14.28 35.59
CA PHE B 271 19.18 14.63 36.14
C PHE B 271 19.03 15.10 37.58
N SER B 272 17.88 14.81 38.18
CA SER B 272 17.65 15.03 39.59
C SER B 272 18.24 13.88 40.41
N PHE B 273 18.68 12.81 39.74
CA PHE B 273 19.29 11.69 40.44
C PHE B 273 20.34 11.03 39.55
N ASP B 274 20.96 9.96 40.04
CA ASP B 274 22.07 9.31 39.36
C ASP B 274 21.99 7.79 39.58
N LEU B 275 22.58 7.03 38.65
CA LEU B 275 22.75 5.59 38.81
C LEU B 275 24.22 5.30 39.08
N THR B 276 24.47 4.25 39.87
CA THR B 276 25.83 3.77 40.12
C THR B 276 26.32 3.02 38.89
N GLU B 277 27.64 2.91 38.77
CA GLU B 277 28.24 2.17 37.68
C GLU B 277 27.66 0.76 37.64
N GLU B 278 27.40 0.17 38.82
CA GLU B 278 26.96 -1.21 38.90
C GLU B 278 25.51 -1.33 38.42
N GLU B 279 24.71 -0.32 38.71
CA GLU B 279 23.32 -0.34 38.30
C GLU B 279 23.23 -0.25 36.78
N VAL B 280 24.06 0.62 36.21
CA VAL B 280 24.12 0.80 34.77
C VAL B 280 24.45 -0.55 34.12
N LYS B 281 25.48 -1.22 34.63
CA LYS B 281 25.93 -2.49 34.08
C LYS B 281 24.83 -3.55 34.19
N LYS B 282 24.10 -3.56 35.30
CA LYS B 282 23.08 -4.58 35.50
C LYS B 282 21.89 -4.35 34.55
N ILE B 283 21.53 -3.10 34.31
CA ILE B 283 20.45 -2.84 33.36
C ILE B 283 20.91 -3.34 31.99
N THR B 284 22.14 -2.97 31.61
CA THR B 284 22.71 -3.39 30.35
C THR B 284 22.58 -4.90 30.21
N ASP B 285 23.05 -5.62 31.24
CA ASP B 285 23.21 -7.07 31.16
C ASP B 285 21.83 -7.74 31.13
N LEU B 286 20.91 -7.28 31.98
CA LEU B 286 19.57 -7.84 32.01
C LEU B 286 18.85 -7.55 30.69
N GLY B 287 19.05 -6.32 30.18
CA GLY B 287 18.57 -5.97 28.86
C GLY B 287 19.06 -6.98 27.79
N LEU B 288 20.36 -7.30 27.83
CA LEU B 288 20.99 -8.07 26.77
C LEU B 288 20.44 -9.50 26.75
N GLN B 289 19.75 -9.89 27.83
CA GLN B 289 19.18 -11.24 27.96
C GLN B 289 17.92 -11.36 27.11
N HIS B 290 17.33 -10.24 26.72
CA HIS B 290 16.04 -10.24 26.02
C HIS B 290 16.25 -10.29 24.52
N GLU B 291 15.28 -10.90 23.83
CA GLU B 291 15.26 -10.94 22.38
C GLU B 291 15.15 -9.52 21.83
N PRO B 292 15.76 -9.22 20.67
CA PRO B 292 15.68 -7.87 20.10
C PRO B 292 14.23 -7.43 19.92
N VAL B 293 13.94 -6.22 20.36
CA VAL B 293 12.69 -5.55 20.05
C VAL B 293 13.00 -4.33 19.19
N ARG B 294 12.43 -4.31 17.96
CA ARG B 294 12.74 -3.29 17.00
C ARG B 294 11.45 -2.67 16.46
N LEU B 295 11.35 -1.33 16.55
CA LEU B 295 10.14 -0.60 16.17
C LEU B 295 10.34 0.20 14.90
N TRP B 296 11.60 0.44 14.46
CA TRP B 296 11.88 1.36 13.37
C TRP B 296 12.82 0.74 12.35
N HIS B 297 12.77 1.27 11.11
CA HIS B 297 13.55 0.72 10.02
C HIS B 297 13.47 -0.82 10.04
N VAL B 298 12.28 -1.36 10.29
CA VAL B 298 12.12 -2.78 10.56
C VAL B 298 12.43 -3.60 9.30
N ASP B 299 11.90 -3.17 8.14
CA ASP B 299 12.06 -3.94 6.92
C ASP B 299 13.53 -4.01 6.51
N PHE B 300 14.30 -2.99 6.92
CA PHE B 300 15.69 -2.87 6.50
C PHE B 300 16.60 -3.66 7.44
N TYR B 301 16.29 -3.60 8.76
CA TYR B 301 17.28 -3.91 9.78
C TYR B 301 16.92 -5.16 10.57
N THR B 302 15.76 -5.76 10.29
CA THR B 302 15.42 -7.07 10.87
C THR B 302 16.56 -8.07 10.62
N LYS B 303 17.23 -7.96 9.47
CA LYS B 303 18.34 -8.86 9.17
C LYS B 303 19.47 -8.74 10.21
N TYR B 304 19.48 -7.66 10.99
CA TYR B 304 20.57 -7.44 11.94
C TYR B 304 20.16 -7.80 13.38
N ASN B 305 18.96 -8.40 13.55
CA ASN B 305 18.48 -8.71 14.89
C ASN B 305 19.47 -9.63 15.62
N SER B 306 20.14 -10.51 14.87
CA SER B 306 21.09 -11.46 15.44
C SER B 306 22.27 -10.78 16.16
N GLU B 307 22.61 -9.55 15.76
CA GLU B 307 23.77 -8.86 16.32
C GLU B 307 23.37 -7.69 17.22
N ALA B 308 22.05 -7.53 17.47
CA ALA B 308 21.55 -6.34 18.15
C ALA B 308 21.73 -6.46 19.67
N GLN B 309 21.66 -7.69 20.18
CA GLN B 309 21.80 -7.92 21.59
C GLN B 309 23.17 -8.59 21.86
N ASN C 3 -16.05 -8.89 -43.26
CA ASN C 3 -17.36 -9.24 -42.62
C ASN C 3 -17.54 -8.49 -41.29
N GLN C 4 -16.78 -7.40 -41.10
CA GLN C 4 -16.66 -6.76 -39.78
C GLN C 4 -18.02 -6.14 -39.39
N LYS C 5 -18.42 -6.32 -38.13
CA LYS C 5 -19.68 -5.75 -37.67
C LYS C 5 -19.42 -4.53 -36.80
N PHE C 6 -20.43 -3.65 -36.73
CA PHE C 6 -20.35 -2.45 -35.92
C PHE C 6 -21.61 -2.30 -35.09
N PHE C 7 -21.49 -1.61 -33.94
CA PHE C 7 -22.66 -1.11 -33.25
C PHE C 7 -22.88 0.34 -33.66
N THR C 8 -24.15 0.75 -33.71
CA THR C 8 -24.53 2.12 -33.97
C THR C 8 -24.90 2.78 -32.65
N LEU C 9 -24.17 3.82 -32.30
CA LEU C 9 -24.42 4.53 -31.05
C LEU C 9 -25.64 5.45 -31.24
N SER C 10 -26.13 5.98 -30.12
CA SER C 10 -27.34 6.80 -30.09
C SER C 10 -27.16 8.08 -30.91
N ASN C 11 -25.91 8.43 -31.27
CA ASN C 11 -25.66 9.63 -32.05
C ASN C 11 -25.49 9.30 -33.54
N GLY C 12 -25.64 8.03 -33.91
CA GLY C 12 -25.51 7.61 -35.30
C GLY C 12 -24.12 7.08 -35.65
N ASN C 13 -23.14 7.22 -34.75
CA ASN C 13 -21.77 6.86 -35.08
C ASN C 13 -21.59 5.35 -34.94
N LYS C 14 -20.63 4.82 -35.70
CA LYS C 14 -20.31 3.40 -35.72
C LYS C 14 -19.10 3.14 -34.83
N ILE C 15 -19.14 2.00 -34.13
CA ILE C 15 -18.00 1.55 -33.33
C ILE C 15 -17.77 0.08 -33.64
N PRO C 16 -16.52 -0.39 -33.85
CA PRO C 16 -16.28 -1.80 -34.15
C PRO C 16 -16.74 -2.66 -32.99
N ALA C 17 -17.41 -3.79 -33.30
CA ALA C 17 -18.24 -4.52 -32.35
C ALA C 17 -17.41 -5.47 -31.48
N VAL C 18 -16.10 -5.54 -31.74
CA VAL C 18 -15.16 -6.14 -30.82
C VAL C 18 -13.92 -5.26 -30.75
N ALA C 19 -13.41 -5.09 -29.53
CA ALA C 19 -12.15 -4.44 -29.29
C ALA C 19 -11.12 -5.51 -28.97
N VAL C 20 -10.07 -5.59 -29.81
CA VAL C 20 -9.21 -6.75 -29.81
C VAL C 20 -7.83 -6.38 -29.26
N VAL C 21 -7.52 -5.09 -29.21
CA VAL C 21 -6.21 -4.62 -28.74
C VAL C 21 -6.42 -3.85 -27.44
N GLY C 22 -5.86 -4.37 -26.34
CA GLY C 22 -5.90 -3.67 -25.06
C GLY C 22 -4.50 -3.25 -24.59
N VAL C 23 -4.37 -2.06 -24.00
CA VAL C 23 -3.07 -1.60 -23.54
C VAL C 23 -3.11 -1.46 -22.02
N GLY C 24 -4.05 -2.16 -21.40
CA GLY C 24 -4.12 -2.26 -19.95
C GLY C 24 -3.18 -3.33 -19.41
N THR C 25 -2.82 -4.29 -20.28
CA THR C 25 -2.01 -5.43 -19.87
C THR C 25 -0.68 -5.39 -20.60
N LYS C 26 0.42 -5.53 -19.85
CA LYS C 26 1.76 -5.27 -20.34
C LYS C 26 2.72 -6.33 -19.78
N TRP C 27 3.90 -6.43 -20.42
CA TRP C 27 4.95 -7.33 -20.00
C TRP C 27 6.20 -6.51 -19.69
N ALA C 28 6.56 -6.48 -18.40
CA ALA C 28 7.55 -5.53 -17.94
C ALA C 28 8.46 -6.21 -16.92
N HIS C 29 9.72 -6.42 -17.29
CA HIS C 29 10.63 -7.20 -16.46
C HIS C 29 11.37 -6.26 -15.51
N ALA C 30 10.70 -5.88 -14.42
CA ALA C 30 11.29 -5.05 -13.39
C ALA C 30 10.46 -5.16 -12.12
N GLU C 31 11.05 -4.68 -11.01
CA GLU C 31 10.38 -4.70 -9.71
C GLU C 31 9.12 -3.85 -9.78
N GLU C 32 9.30 -2.57 -10.13
CA GLU C 32 8.20 -1.62 -10.23
C GLU C 32 7.70 -1.62 -11.67
N THR C 33 6.65 -2.41 -11.93
CA THR C 33 6.19 -2.67 -13.30
C THR C 33 5.48 -1.43 -13.85
N ASP C 34 5.10 -0.51 -12.95
CA ASP C 34 4.18 0.55 -13.28
C ASP C 34 4.90 1.66 -14.05
N ALA C 35 6.21 1.80 -13.82
CA ALA C 35 6.99 2.90 -14.38
C ALA C 35 7.76 2.44 -15.62
N THR C 36 7.72 1.13 -15.92
CA THR C 36 8.58 0.56 -16.96
C THR C 36 7.87 0.61 -18.31
N PHE C 37 8.61 1.03 -19.34
CA PHE C 37 8.16 0.93 -20.72
C PHE C 37 8.19 -0.54 -21.16
N SER C 38 7.09 -1.00 -21.79
CA SER C 38 7.03 -2.37 -22.27
C SER C 38 7.13 -2.42 -23.80
N GLN C 39 8.33 -2.74 -24.30
CA GLN C 39 8.54 -2.96 -25.73
C GLN C 39 7.66 -4.12 -26.23
N GLU C 40 7.47 -5.12 -25.37
CA GLU C 40 6.63 -6.26 -25.69
C GLU C 40 5.22 -5.79 -26.06
N LEU C 41 4.68 -4.83 -25.28
CA LEU C 41 3.36 -4.27 -25.54
C LEU C 41 3.34 -3.50 -26.86
N THR C 42 4.29 -2.59 -27.03
CA THR C 42 4.39 -1.82 -28.26
C THR C 42 4.42 -2.78 -29.45
N ASP C 43 5.18 -3.86 -29.32
CA ASP C 43 5.40 -4.77 -30.42
C ASP C 43 4.08 -5.43 -30.84
N ILE C 44 3.31 -5.93 -29.87
CA ILE C 44 2.08 -6.65 -30.19
C ILE C 44 1.05 -5.67 -30.72
N VAL C 45 1.06 -4.42 -30.24
CA VAL C 45 0.12 -3.43 -30.74
C VAL C 45 0.47 -3.08 -32.18
N LYS C 46 1.76 -2.90 -32.45
CA LYS C 46 2.19 -2.53 -33.80
C LYS C 46 1.78 -3.64 -34.77
N LEU C 47 2.01 -4.90 -34.38
CA LEU C 47 1.76 -6.06 -35.23
C LEU C 47 0.26 -6.21 -35.46
N SER C 48 -0.54 -5.91 -34.44
CA SER C 48 -1.98 -5.95 -34.56
C SER C 48 -2.45 -4.91 -35.58
N LEU C 49 -1.99 -3.68 -35.42
CA LEU C 49 -2.40 -2.61 -36.30
C LEU C 49 -1.98 -2.96 -37.72
N ASP C 50 -0.81 -3.59 -37.86
CA ASP C 50 -0.21 -3.85 -39.16
C ASP C 50 -0.97 -4.97 -39.88
N THR C 51 -1.56 -5.90 -39.12
CA THR C 51 -1.95 -7.18 -39.72
C THR C 51 -3.42 -7.53 -39.48
N VAL C 52 -4.05 -6.99 -38.44
CA VAL C 52 -5.43 -7.35 -38.15
C VAL C 52 -6.34 -6.68 -39.21
N PRO C 53 -7.17 -7.47 -39.93
CA PRO C 53 -8.08 -6.89 -40.94
C PRO C 53 -9.16 -5.97 -40.38
N GLY C 54 -9.43 -4.88 -41.11
CA GLY C 54 -10.56 -4.02 -40.83
C GLY C 54 -10.18 -2.91 -39.85
N ILE C 55 -11.20 -2.28 -39.26
CA ILE C 55 -10.97 -1.23 -38.30
C ILE C 55 -10.57 -1.89 -37.00
N VAL C 56 -9.39 -1.54 -36.49
CA VAL C 56 -8.88 -2.15 -35.29
C VAL C 56 -9.26 -1.28 -34.10
N HIS C 57 -10.00 -1.84 -33.15
CA HIS C 57 -10.50 -1.08 -32.02
C HIS C 57 -9.59 -1.31 -30.81
N ILE C 58 -9.01 -0.21 -30.30
CA ILE C 58 -8.02 -0.24 -29.23
C ILE C 58 -8.65 0.31 -27.97
N ASP C 59 -8.40 -0.36 -26.85
CA ASP C 59 -8.87 0.08 -25.55
C ASP C 59 -7.67 0.58 -24.72
N ALA C 60 -7.66 1.89 -24.44
CA ALA C 60 -6.60 2.53 -23.68
C ALA C 60 -7.21 3.24 -22.48
N ALA C 61 -6.37 3.69 -21.56
CA ALA C 61 -6.82 4.45 -20.42
C ALA C 61 -5.66 5.21 -19.80
N GLU C 62 -5.94 6.46 -19.38
CA GLU C 62 -5.02 7.26 -18.58
C GLU C 62 -4.36 6.40 -17.49
N MET C 63 -5.19 5.59 -16.80
CA MET C 63 -4.79 4.94 -15.56
C MET C 63 -3.79 3.80 -15.86
N TYR C 64 -3.76 3.36 -17.12
CA TYR C 64 -2.92 2.23 -17.52
C TYR C 64 -1.45 2.66 -17.60
N LYS C 65 -1.20 3.94 -17.88
CA LYS C 65 0.14 4.50 -17.99
C LYS C 65 0.91 3.82 -19.12
N THR C 66 0.21 3.59 -20.25
CA THR C 66 0.80 2.96 -21.41
C THR C 66 0.65 3.84 -22.64
N TYR C 67 0.43 5.14 -22.44
CA TYR C 67 0.32 6.02 -23.59
C TYR C 67 1.63 5.98 -24.38
N PRO C 68 2.82 5.90 -23.74
CA PRO C 68 4.07 5.87 -24.49
C PRO C 68 4.16 4.66 -25.44
N GLU C 69 3.70 3.50 -24.96
CA GLU C 69 3.75 2.27 -25.71
C GLU C 69 2.82 2.37 -26.91
N LEU C 70 1.61 2.89 -26.66
CA LEU C 70 0.60 2.96 -27.71
C LEU C 70 1.03 4.02 -28.71
N GLY C 71 1.59 5.13 -28.20
CA GLY C 71 2.14 6.19 -29.03
C GLY C 71 3.22 5.70 -29.99
N ALA C 72 4.19 4.92 -29.47
CA ALA C 72 5.24 4.32 -30.30
C ALA C 72 4.63 3.44 -31.41
N ALA C 73 3.62 2.63 -31.06
CA ALA C 73 3.01 1.74 -32.04
C ALA C 73 2.28 2.54 -33.13
N LEU C 74 1.56 3.60 -32.70
CA LEU C 74 0.77 4.41 -33.62
C LEU C 74 1.71 5.16 -34.56
N LYS C 75 2.91 5.51 -34.06
CA LYS C 75 3.91 6.20 -34.85
C LYS C 75 4.46 5.28 -35.94
N GLU C 76 4.70 4.00 -35.61
CA GLU C 76 5.50 3.13 -36.46
C GLU C 76 4.60 2.32 -37.40
N THR C 77 3.28 2.30 -37.14
CA THR C 77 2.36 1.47 -37.91
C THR C 77 2.14 2.10 -39.28
N LYS C 78 1.82 1.25 -40.28
CA LYS C 78 1.41 1.72 -41.58
C LYS C 78 -0.11 1.80 -41.66
N LYS C 79 -0.79 1.29 -40.61
CA LYS C 79 -2.25 1.33 -40.52
C LYS C 79 -2.73 2.78 -40.52
N PRO C 80 -3.56 3.20 -41.48
CA PRO C 80 -4.06 4.58 -41.48
C PRO C 80 -5.04 4.87 -40.34
N ARG C 81 -5.06 6.12 -39.88
CA ARG C 81 -5.74 6.53 -38.65
C ARG C 81 -7.23 6.19 -38.72
N GLU C 82 -7.82 6.27 -39.92
CA GLU C 82 -9.24 6.04 -40.09
C GLU C 82 -9.60 4.54 -39.95
N GLU C 83 -8.59 3.66 -39.95
CA GLU C 83 -8.84 2.24 -39.71
C GLU C 83 -8.50 1.86 -38.26
N ILE C 84 -8.46 2.87 -37.37
CA ILE C 84 -8.18 2.63 -35.95
C ILE C 84 -9.27 3.32 -35.17
N PHE C 85 -9.90 2.59 -34.26
CA PHE C 85 -10.82 3.16 -33.31
C PHE C 85 -10.16 3.17 -31.92
N ILE C 86 -9.88 4.38 -31.39
CA ILE C 86 -9.18 4.53 -30.12
C ILE C 86 -10.16 4.94 -29.04
N THR C 87 -10.28 4.08 -28.05
CA THR C 87 -10.99 4.42 -26.82
C THR C 87 -9.95 4.77 -25.76
N ASP C 88 -10.19 5.89 -25.07
CA ASP C 88 -9.38 6.36 -23.97
C ASP C 88 -10.31 6.68 -22.79
N LYS C 89 -9.75 6.78 -21.59
CA LYS C 89 -10.55 6.91 -20.39
C LYS C 89 -9.88 7.84 -19.38
N PHE C 90 -10.64 8.84 -18.93
CA PHE C 90 -10.17 9.73 -17.88
C PHE C 90 -10.10 8.95 -16.56
N SER C 91 -8.96 9.08 -15.87
CA SER C 91 -8.77 8.37 -14.61
C SER C 91 -9.39 9.15 -13.46
N SER C 92 -10.59 8.73 -13.05
CA SER C 92 -11.34 9.41 -12.00
C SER C 92 -11.08 8.72 -10.66
N LEU C 93 -10.77 7.42 -10.72
CA LEU C 93 -10.58 6.60 -9.54
C LEU C 93 -9.24 6.94 -8.88
N HIS C 94 -8.21 7.11 -9.71
CA HIS C 94 -6.89 7.48 -9.23
C HIS C 94 -6.38 8.68 -10.04
N LYS C 95 -6.46 9.86 -9.42
CA LYS C 95 -6.21 11.13 -10.08
C LYS C 95 -4.83 11.12 -10.71
N ILE C 96 -4.77 11.40 -12.00
CA ILE C 96 -3.51 11.64 -12.69
C ILE C 96 -3.50 13.07 -13.22
N SER C 97 -4.65 13.52 -13.73
CA SER C 97 -4.81 14.90 -14.19
C SER C 97 -5.86 15.59 -13.35
N GLU C 98 -5.99 16.91 -13.54
CA GLU C 98 -6.97 17.70 -12.79
C GLU C 98 -8.37 17.39 -13.28
N ASP C 99 -8.53 17.20 -14.60
CA ASP C 99 -9.85 17.05 -15.20
C ASP C 99 -9.75 16.41 -16.58
N PRO C 100 -10.89 15.96 -17.16
CA PRO C 100 -10.88 15.30 -18.47
C PRO C 100 -10.22 16.08 -19.60
N LYS C 101 -10.42 17.41 -19.64
CA LYS C 101 -9.90 18.19 -20.75
C LYS C 101 -8.37 18.20 -20.71
N SER C 102 -7.79 18.28 -19.48
CA SER C 102 -6.35 18.22 -19.29
C SER C 102 -5.82 16.80 -19.52
N ALA C 103 -6.56 15.79 -19.05
CA ALA C 103 -6.16 14.40 -19.27
C ALA C 103 -6.05 14.11 -20.77
N LEU C 104 -7.08 14.46 -21.53
CA LEU C 104 -7.12 14.12 -22.94
C LEU C 104 -6.06 14.93 -23.68
N GLU C 105 -5.87 16.19 -23.29
CA GLU C 105 -4.84 16.99 -23.92
C GLU C 105 -3.50 16.26 -23.78
N THR C 106 -3.17 15.84 -22.56
CA THR C 106 -1.93 15.12 -22.31
C THR C 106 -1.88 13.86 -23.18
N ALA C 107 -3.03 13.18 -23.28
CA ALA C 107 -3.11 11.89 -23.94
C ALA C 107 -2.88 12.04 -25.44
N LEU C 108 -3.53 13.03 -26.04
CA LEU C 108 -3.40 13.28 -27.46
C LEU C 108 -1.92 13.53 -27.80
N ASN C 109 -1.22 14.25 -26.90
CA ASN C 109 0.16 14.63 -27.14
C ASN C 109 1.04 13.37 -27.10
N LYS C 110 0.87 12.52 -26.08
CA LYS C 110 1.69 11.31 -25.96
C LYS C 110 1.38 10.32 -27.10
N LEU C 111 0.11 10.24 -27.52
CA LEU C 111 -0.28 9.29 -28.55
C LEU C 111 0.09 9.78 -29.95
N GLY C 112 0.18 11.11 -30.11
CA GLY C 112 0.45 11.73 -31.40
C GLY C 112 -0.77 11.64 -32.33
N VAL C 113 -1.97 11.74 -31.76
CA VAL C 113 -3.19 11.80 -32.57
C VAL C 113 -3.90 13.10 -32.26
N ASP C 114 -4.88 13.46 -33.12
CA ASP C 114 -5.57 14.74 -33.02
C ASP C 114 -6.91 14.57 -32.30
N TYR C 115 -7.37 13.32 -32.14
CA TYR C 115 -8.66 13.02 -31.50
C TYR C 115 -8.65 11.57 -31.05
N VAL C 116 -9.54 11.23 -30.10
CA VAL C 116 -9.88 9.84 -29.83
C VAL C 116 -11.31 9.60 -30.28
N ASP C 117 -11.64 8.32 -30.47
CA ASP C 117 -12.89 7.92 -31.07
C ASP C 117 -13.96 7.76 -30.00
N LEU C 118 -13.52 7.45 -28.77
CA LEU C 118 -14.42 7.34 -27.63
C LEU C 118 -13.67 7.70 -26.36
N TYR C 119 -14.28 8.54 -25.53
CA TYR C 119 -13.67 8.97 -24.29
C TYR C 119 -14.63 8.70 -23.15
N LEU C 120 -14.15 7.97 -22.13
CA LEU C 120 -14.99 7.54 -21.00
C LEU C 120 -14.45 8.13 -19.70
N ILE C 121 -15.37 8.40 -18.78
CA ILE C 121 -15.04 8.51 -17.38
C ILE C 121 -14.84 7.10 -16.79
N HIS C 122 -13.67 6.84 -16.21
CA HIS C 122 -13.25 5.47 -15.97
C HIS C 122 -14.01 4.82 -14.79
N SER C 123 -14.47 5.64 -13.84
CA SER C 123 -15.15 5.12 -12.66
C SER C 123 -16.05 6.20 -12.07
N PRO C 124 -17.19 5.84 -11.45
CA PRO C 124 -17.97 6.79 -10.67
C PRO C 124 -17.35 7.17 -9.33
N PHE C 125 -16.37 6.38 -8.86
CA PHE C 125 -15.80 6.54 -7.53
C PHE C 125 -14.67 7.57 -7.56
N PHE C 126 -15.05 8.84 -7.69
CA PHE C 126 -14.07 9.89 -7.90
C PHE C 126 -13.13 9.97 -6.70
N ASP C 127 -11.84 10.03 -7.03
CA ASP C 127 -10.75 10.30 -6.10
C ASP C 127 -11.04 11.57 -5.30
N LYS C 128 -10.77 11.50 -3.99
CA LYS C 128 -11.00 12.62 -3.10
C LYS C 128 -10.12 13.79 -3.50
N ASP C 129 -9.07 13.52 -4.28
CA ASP C 129 -8.06 14.52 -4.58
C ASP C 129 -8.45 15.31 -5.84
N LEU C 130 -9.52 14.87 -6.52
CA LEU C 130 -10.05 15.63 -7.63
C LEU C 130 -10.77 16.87 -7.08
N ASN C 131 -10.69 17.98 -7.82
CA ASN C 131 -11.37 19.21 -7.46
C ASN C 131 -12.58 19.41 -8.36
N ILE C 132 -12.98 18.34 -9.06
CA ILE C 132 -14.20 18.34 -9.84
C ILE C 132 -15.09 17.19 -9.37
N ASP C 133 -16.39 17.32 -9.65
CA ASP C 133 -17.36 16.27 -9.41
C ASP C 133 -17.82 15.72 -10.76
N LEU C 134 -18.75 14.76 -10.72
CA LEU C 134 -19.19 14.02 -11.91
C LEU C 134 -19.85 14.95 -12.93
N GLU C 135 -20.77 15.79 -12.45
CA GLU C 135 -21.47 16.72 -13.32
C GLU C 135 -20.46 17.56 -14.13
N THR C 136 -19.46 18.12 -13.45
CA THR C 136 -18.47 18.96 -14.13
C THR C 136 -17.64 18.12 -15.07
N ALA C 137 -17.25 16.93 -14.62
CA ALA C 137 -16.52 15.99 -15.46
C ALA C 137 -17.29 15.73 -16.75
N TRP C 138 -18.58 15.40 -16.63
CA TRP C 138 -19.36 15.07 -17.80
C TRP C 138 -19.50 16.27 -18.74
N LYS C 139 -19.76 17.46 -18.17
CA LYS C 139 -19.87 18.66 -18.99
C LYS C 139 -18.58 18.88 -19.78
N GLN C 140 -17.44 18.57 -19.17
CA GLN C 140 -16.16 18.68 -19.87
C GLN C 140 -16.10 17.68 -21.02
N LEU C 141 -16.65 16.47 -20.83
CA LEU C 141 -16.69 15.49 -21.92
C LEU C 141 -17.60 16.01 -23.03
N GLU C 142 -18.66 16.71 -22.66
CA GLU C 142 -19.59 17.24 -23.64
C GLU C 142 -18.87 18.29 -24.52
N GLU C 143 -18.00 19.09 -23.92
CA GLU C 143 -17.25 20.09 -24.67
C GLU C 143 -16.22 19.42 -25.59
N LEU C 144 -15.57 18.36 -25.08
CA LEU C 144 -14.63 17.61 -25.89
C LEU C 144 -15.35 16.96 -27.07
N TYR C 145 -16.58 16.50 -26.84
CA TYR C 145 -17.40 15.88 -27.86
C TYR C 145 -17.74 16.90 -28.95
N LYS C 146 -18.19 18.09 -28.54
CA LYS C 146 -18.63 19.11 -29.47
C LYS C 146 -17.44 19.65 -30.27
N SER C 147 -16.26 19.74 -29.65
CA SER C 147 -15.08 20.28 -30.32
C SER C 147 -14.50 19.25 -31.30
N GLY C 148 -14.89 17.96 -31.14
CA GLY C 148 -14.42 16.89 -32.01
C GLY C 148 -13.13 16.19 -31.52
N LYS C 149 -12.66 16.54 -30.31
CA LYS C 149 -11.47 15.89 -29.75
C LYS C 149 -11.81 14.48 -29.28
N ALA C 150 -13.09 14.28 -28.94
CA ALA C 150 -13.63 12.96 -28.69
C ALA C 150 -14.88 12.76 -29.54
N LYS C 151 -14.82 11.81 -30.46
CA LYS C 151 -15.88 11.60 -31.42
C LYS C 151 -17.12 11.03 -30.72
N ASN C 152 -16.90 10.38 -29.58
CA ASN C 152 -17.98 9.79 -28.80
C ASN C 152 -17.57 9.82 -27.34
N ILE C 153 -18.55 9.78 -26.45
CA ILE C 153 -18.28 9.91 -25.03
C ILE C 153 -19.21 8.98 -24.25
N GLY C 154 -18.71 8.55 -23.10
CA GLY C 154 -19.47 7.67 -22.22
C GLY C 154 -18.79 7.51 -20.87
N VAL C 155 -19.14 6.42 -20.19
CA VAL C 155 -18.71 6.20 -18.84
C VAL C 155 -18.29 4.74 -18.71
N SER C 156 -17.66 4.42 -17.59
CA SER C 156 -17.27 3.06 -17.32
C SER C 156 -17.57 2.70 -15.85
N ASN C 157 -18.15 1.50 -15.66
CA ASN C 157 -18.39 0.92 -14.36
C ASN C 157 -19.47 1.71 -13.62
N PHE C 158 -20.37 2.34 -14.36
CA PHE C 158 -21.44 3.12 -13.74
C PHE C 158 -22.60 2.21 -13.39
N THR C 159 -23.19 2.45 -12.21
CA THR C 159 -24.46 1.85 -11.83
C THR C 159 -25.61 2.53 -12.57
N VAL C 160 -26.81 1.97 -12.39
CA VAL C 160 -28.04 2.59 -12.83
C VAL C 160 -28.16 3.99 -12.22
N GLU C 161 -27.87 4.09 -10.91
CA GLU C 161 -28.01 5.35 -10.19
C GLU C 161 -26.97 6.38 -10.66
N ASP C 162 -25.77 5.92 -11.05
CA ASP C 162 -24.78 6.84 -11.59
C ASP C 162 -25.25 7.37 -12.95
N LEU C 163 -25.79 6.46 -13.79
CA LEU C 163 -26.26 6.81 -15.13
C LEU C 163 -27.38 7.85 -15.04
N LYS C 164 -28.27 7.67 -14.07
CA LYS C 164 -29.39 8.57 -13.87
C LYS C 164 -28.89 9.97 -13.49
N LYS C 165 -27.86 10.04 -12.64
CA LYS C 165 -27.24 11.31 -12.27
C LYS C 165 -26.75 12.05 -13.51
N VAL C 166 -26.08 11.34 -14.42
CA VAL C 166 -25.54 11.95 -15.62
C VAL C 166 -26.69 12.32 -16.56
N LEU C 167 -27.65 11.41 -16.72
CA LEU C 167 -28.79 11.65 -17.59
C LEU C 167 -29.54 12.92 -17.16
N ALA C 168 -29.56 13.19 -15.86
CA ALA C 168 -30.35 14.29 -15.32
C ALA C 168 -29.74 15.64 -15.70
N ILE C 169 -28.42 15.67 -16.01
CA ILE C 169 -27.71 16.93 -16.20
C ILE C 169 -27.14 17.02 -17.61
N ALA C 170 -27.35 15.99 -18.43
CA ALA C 170 -26.62 15.87 -19.68
C ALA C 170 -27.38 16.57 -20.79
N GLU C 171 -26.65 17.34 -21.58
CA GLU C 171 -27.11 17.74 -22.90
C GLU C 171 -26.84 16.61 -23.87
N ILE C 172 -25.66 16.00 -23.76
CA ILE C 172 -25.27 14.86 -24.59
C ILE C 172 -25.37 13.61 -23.73
N LYS C 173 -26.30 12.73 -24.08
CA LYS C 173 -26.52 11.45 -23.41
C LYS C 173 -25.28 10.57 -23.56
N PRO C 174 -24.71 10.00 -22.48
CA PRO C 174 -23.64 9.02 -22.61
C PRO C 174 -23.99 7.94 -23.61
N GLN C 175 -23.07 7.67 -24.52
CA GLN C 175 -23.33 6.73 -25.60
C GLN C 175 -22.89 5.31 -25.22
N VAL C 176 -22.01 5.19 -24.21
CA VAL C 176 -21.36 3.92 -23.88
C VAL C 176 -21.24 3.82 -22.37
N ASN C 177 -21.44 2.62 -21.83
CA ASN C 177 -21.07 2.30 -20.45
C ASN C 177 -20.25 1.01 -20.47
N GLN C 178 -18.93 1.13 -20.26
CA GLN C 178 -18.05 -0.03 -20.23
C GLN C 178 -18.11 -0.68 -18.85
N ILE C 179 -18.60 -1.92 -18.80
CA ILE C 179 -18.73 -2.63 -17.54
C ILE C 179 -17.99 -3.95 -17.64
N GLU C 180 -17.73 -4.56 -16.49
CA GLU C 180 -17.36 -5.96 -16.44
C GLU C 180 -18.58 -6.80 -16.75
N PHE C 181 -18.44 -7.68 -17.73
CA PHE C 181 -19.53 -8.54 -18.15
C PHE C 181 -18.97 -9.84 -18.69
N SER C 182 -19.52 -10.94 -18.21
CA SER C 182 -19.17 -12.27 -18.70
C SER C 182 -20.31 -13.22 -18.36
N PRO C 183 -20.27 -14.49 -18.81
CA PRO C 183 -21.27 -15.47 -18.44
C PRO C 183 -21.38 -15.66 -16.93
N PHE C 184 -20.32 -15.31 -16.20
CA PHE C 184 -20.30 -15.51 -14.76
C PHE C 184 -20.42 -14.16 -14.03
N LEU C 185 -20.68 -13.09 -14.78
CA LEU C 185 -21.02 -11.81 -14.19
C LEU C 185 -21.92 -11.01 -15.13
N GLN C 186 -23.21 -11.34 -15.12
CA GLN C 186 -24.09 -10.92 -16.18
C GLN C 186 -24.79 -9.62 -15.82
N ASN C 187 -24.58 -9.16 -14.58
CA ASN C 187 -24.94 -7.80 -14.16
C ASN C 187 -23.91 -7.29 -13.14
N GLN C 188 -23.00 -6.43 -13.61
CA GLN C 188 -21.92 -5.93 -12.77
C GLN C 188 -22.49 -5.30 -11.52
N THR C 189 -23.48 -4.43 -11.72
CA THR C 189 -24.26 -3.83 -10.65
C THR C 189 -25.73 -4.06 -10.95
N PRO C 190 -26.67 -3.95 -9.97
CA PRO C 190 -28.02 -4.44 -10.16
C PRO C 190 -28.75 -3.78 -11.34
N GLY C 191 -29.23 -4.61 -12.26
CA GLY C 191 -30.11 -4.16 -13.33
C GLY C 191 -29.41 -3.33 -14.41
N ILE C 192 -28.06 -3.33 -14.43
CA ILE C 192 -27.36 -2.38 -15.27
C ILE C 192 -27.56 -2.74 -16.74
N VAL C 193 -27.54 -4.04 -17.04
CA VAL C 193 -27.61 -4.45 -18.44
C VAL C 193 -28.96 -4.00 -19.01
N GLU C 194 -30.04 -4.29 -18.29
CA GLU C 194 -31.37 -4.10 -18.82
C GLU C 194 -31.68 -2.61 -18.92
N PHE C 195 -31.23 -1.84 -17.91
CA PHE C 195 -31.41 -0.40 -17.91
C PHE C 195 -30.65 0.22 -19.08
N SER C 196 -29.38 -0.12 -19.20
CA SER C 196 -28.52 0.50 -20.21
C SER C 196 -29.09 0.26 -21.61
N GLN C 197 -29.49 -0.98 -21.89
CA GLN C 197 -29.97 -1.35 -23.20
C GLN C 197 -31.30 -0.65 -23.50
N LYS C 198 -32.12 -0.46 -22.45
CA LYS C 198 -33.41 0.19 -22.60
C LYS C 198 -33.22 1.68 -22.91
N ASN C 199 -32.12 2.26 -22.43
CA ASN C 199 -31.88 3.68 -22.59
C ASN C 199 -30.90 3.94 -23.74
N ASP C 200 -30.67 2.93 -24.57
CA ASP C 200 -29.81 3.08 -25.75
C ASP C 200 -28.43 3.62 -25.34
N ILE C 201 -27.89 3.06 -24.25
CA ILE C 201 -26.50 3.23 -23.89
C ILE C 201 -25.81 1.90 -24.16
N LEU C 202 -24.90 1.89 -25.14
CA LEU C 202 -24.21 0.68 -25.51
C LEU C 202 -23.32 0.22 -24.35
N LEU C 203 -23.47 -1.05 -23.97
CA LEU C 203 -22.56 -1.69 -23.04
C LEU C 203 -21.35 -2.22 -23.80
N GLU C 204 -20.16 -1.98 -23.21
CA GLU C 204 -18.98 -2.75 -23.53
C GLU C 204 -18.72 -3.69 -22.37
N ALA C 205 -18.14 -4.86 -22.68
CA ALA C 205 -17.84 -5.89 -21.70
C ALA C 205 -16.33 -6.03 -21.57
N TYR C 206 -15.81 -5.64 -20.41
CA TYR C 206 -14.45 -5.92 -20.01
C TYR C 206 -14.38 -7.30 -19.36
N SER C 207 -13.24 -7.98 -19.54
CA SER C 207 -12.99 -9.33 -19.05
C SER C 207 -14.13 -10.29 -19.38
N PRO C 208 -14.59 -10.37 -20.64
CA PRO C 208 -15.63 -11.33 -21.01
C PRO C 208 -15.13 -12.78 -20.99
N LEU C 209 -13.80 -12.97 -21.05
CA LEU C 209 -13.21 -14.32 -21.10
C LEU C 209 -12.81 -14.80 -19.70
N GLY C 210 -13.33 -14.15 -18.66
CA GLY C 210 -13.12 -14.60 -17.29
C GLY C 210 -13.18 -16.13 -17.15
N PRO C 211 -14.31 -16.77 -17.57
CA PRO C 211 -14.49 -18.21 -17.39
C PRO C 211 -13.41 -19.08 -18.01
N LEU C 212 -12.61 -18.51 -18.91
CA LEU C 212 -11.61 -19.27 -19.65
C LEU C 212 -10.20 -18.93 -19.17
N ALA C 213 -10.09 -18.11 -18.13
CA ALA C 213 -8.77 -17.72 -17.63
C ALA C 213 -8.05 -18.97 -17.09
N LYS C 214 -8.79 -19.77 -16.31
CA LYS C 214 -8.29 -21.05 -15.79
C LYS C 214 -9.49 -21.96 -15.53
N LYS C 215 -9.75 -22.86 -16.49
CA LYS C 215 -10.90 -23.75 -16.41
C LYS C 215 -10.69 -24.73 -15.25
N PRO C 216 -11.72 -24.97 -14.40
CA PRO C 216 -11.55 -25.83 -13.24
C PRO C 216 -11.26 -27.28 -13.64
N THR C 217 -10.86 -28.08 -12.65
CA THR C 217 -10.49 -29.47 -12.88
C THR C 217 -11.68 -30.25 -13.44
N ASP C 218 -12.90 -29.82 -13.07
CA ASP C 218 -14.12 -30.53 -13.40
C ASP C 218 -14.57 -30.22 -14.82
N ALA C 219 -13.87 -29.29 -15.49
CA ALA C 219 -14.36 -28.72 -16.75
C ALA C 219 -15.12 -29.78 -17.55
N ASP C 220 -14.53 -30.97 -17.68
CA ASP C 220 -15.11 -32.05 -18.45
C ASP C 220 -16.53 -32.36 -17.96
N GLN C 221 -16.79 -32.16 -16.65
CA GLN C 221 -18.01 -32.59 -16.00
C GLN C 221 -19.02 -31.46 -15.87
N GLN C 222 -18.58 -30.21 -16.12
CA GLN C 222 -19.41 -29.04 -15.84
C GLN C 222 -20.20 -28.67 -17.10
N PRO C 223 -21.54 -28.49 -17.01
CA PRO C 223 -22.36 -28.29 -18.21
C PRO C 223 -21.99 -27.03 -19.00
N PHE C 224 -21.58 -25.95 -18.30
CA PHE C 224 -21.21 -24.74 -18.99
C PHE C 224 -20.05 -25.01 -19.95
N TYR C 225 -19.00 -25.65 -19.42
CA TYR C 225 -17.77 -25.85 -20.16
C TYR C 225 -17.98 -26.90 -21.25
N GLN C 226 -18.85 -27.89 -20.98
CA GLN C 226 -19.16 -28.95 -21.93
C GLN C 226 -19.87 -28.36 -23.15
N TYR C 227 -20.75 -27.37 -22.92
CA TYR C 227 -21.52 -26.79 -24.00
C TYR C 227 -20.60 -25.90 -24.85
N LEU C 228 -19.72 -25.13 -24.19
CA LEU C 228 -18.74 -24.32 -24.91
C LEU C 228 -17.98 -25.18 -25.92
N LYS C 229 -17.58 -26.38 -25.47
CA LYS C 229 -16.78 -27.28 -26.28
C LYS C 229 -17.59 -27.77 -27.47
N GLU C 230 -18.84 -28.19 -27.22
CA GLU C 230 -19.79 -28.55 -28.26
C GLU C 230 -19.83 -27.50 -29.36
N LEU C 231 -20.12 -26.25 -28.98
CA LEU C 231 -20.31 -25.17 -29.93
C LEU C 231 -19.00 -24.92 -30.68
N SER C 232 -17.90 -25.02 -29.94
CA SER C 232 -16.57 -24.91 -30.49
C SER C 232 -16.39 -25.89 -31.64
N GLU C 233 -16.87 -27.13 -31.46
CA GLU C 233 -16.64 -28.17 -32.45
C GLU C 233 -17.66 -28.05 -33.58
N LYS C 234 -18.89 -27.65 -33.24
CA LYS C 234 -19.92 -27.42 -34.25
C LYS C 234 -19.40 -26.42 -35.29
N TYR C 235 -18.76 -25.34 -34.82
CA TYR C 235 -18.47 -24.19 -35.66
C TYR C 235 -17.01 -24.20 -36.12
N ASN C 236 -16.17 -25.03 -35.49
CA ASN C 236 -14.74 -25.07 -35.77
C ASN C 236 -14.13 -23.72 -35.40
N LYS C 237 -14.47 -23.24 -34.20
CA LYS C 237 -13.96 -21.99 -33.68
C LYS C 237 -13.48 -22.26 -32.28
N THR C 238 -12.68 -21.34 -31.71
CA THR C 238 -12.19 -21.54 -30.34
C THR C 238 -13.33 -21.24 -29.38
N GLU C 239 -13.17 -21.69 -28.15
CA GLU C 239 -14.14 -21.44 -27.10
C GLU C 239 -14.13 -19.96 -26.73
N ALA C 240 -12.97 -19.32 -26.90
CA ALA C 240 -12.86 -17.88 -26.75
C ALA C 240 -13.75 -17.16 -27.78
N GLN C 241 -13.65 -17.55 -29.05
CA GLN C 241 -14.45 -16.96 -30.11
C GLN C 241 -15.94 -17.10 -29.79
N VAL C 242 -16.34 -18.28 -29.30
CA VAL C 242 -17.73 -18.56 -28.99
C VAL C 242 -18.22 -17.58 -27.92
N LEU C 243 -17.42 -17.37 -26.85
CA LEU C 243 -17.87 -16.51 -25.75
C LEU C 243 -17.89 -15.06 -26.21
N LEU C 244 -16.91 -14.66 -27.04
CA LEU C 244 -16.86 -13.30 -27.51
C LEU C 244 -18.07 -13.05 -28.40
N LEU C 245 -18.41 -14.03 -29.25
CA LEU C 245 -19.58 -13.85 -30.09
C LEU C 245 -20.83 -13.79 -29.24
N TRP C 246 -20.90 -14.62 -28.20
CA TRP C 246 -22.05 -14.63 -27.31
C TRP C 246 -22.26 -13.23 -26.72
N VAL C 247 -21.16 -12.53 -26.38
CA VAL C 247 -21.29 -11.20 -25.81
C VAL C 247 -21.94 -10.28 -26.85
N TYR C 248 -21.46 -10.37 -28.09
CA TYR C 248 -21.99 -9.59 -29.18
C TYR C 248 -23.50 -9.86 -29.34
N LYS C 249 -23.88 -11.14 -29.27
CA LYS C 249 -25.27 -11.53 -29.49
C LYS C 249 -26.15 -11.07 -28.33
N ARG C 250 -25.56 -10.75 -27.17
CA ARG C 250 -26.33 -10.17 -26.08
C ARG C 250 -26.50 -8.65 -26.31
N GLY C 251 -25.92 -8.14 -27.40
CA GLY C 251 -26.02 -6.74 -27.75
C GLY C 251 -24.92 -5.89 -27.10
N ILE C 252 -23.84 -6.57 -26.67
CA ILE C 252 -22.79 -5.95 -25.89
C ILE C 252 -21.48 -6.06 -26.68
N LEU C 253 -20.64 -5.04 -26.56
CA LEU C 253 -19.36 -4.97 -27.29
C LEU C 253 -18.26 -5.62 -26.46
N PRO C 254 -17.78 -6.83 -26.81
CA PRO C 254 -16.71 -7.46 -26.05
C PRO C 254 -15.38 -6.73 -26.24
N VAL C 255 -14.71 -6.46 -25.12
CA VAL C 255 -13.42 -5.81 -25.11
C VAL C 255 -12.40 -6.81 -24.57
N THR C 256 -11.43 -7.20 -25.40
CA THR C 256 -10.61 -8.35 -25.08
C THR C 256 -9.15 -8.08 -25.44
N THR C 257 -8.25 -8.57 -24.58
CA THR C 257 -6.80 -8.44 -24.75
C THR C 257 -6.20 -9.84 -24.88
N SER C 258 -5.19 -9.96 -25.73
CA SER C 258 -4.34 -11.14 -25.72
C SER C 258 -2.90 -10.71 -25.93
N ALA C 259 -1.98 -11.58 -25.51
CA ALA C 259 -0.56 -11.42 -25.78
C ALA C 259 -0.26 -11.89 -27.20
N LYS C 260 -1.10 -12.76 -27.76
CA LYS C 260 -0.73 -13.52 -28.94
C LYS C 260 -1.53 -13.03 -30.14
N ILE C 261 -0.83 -12.81 -31.26
CA ILE C 261 -1.44 -12.21 -32.43
C ILE C 261 -2.54 -13.14 -32.95
N GLU C 262 -2.36 -14.45 -32.75
CA GLU C 262 -3.30 -15.46 -33.23
C GLU C 262 -4.67 -15.22 -32.61
N ARG C 263 -4.68 -15.00 -31.29
CA ARG C 263 -5.91 -14.85 -30.53
C ARG C 263 -6.54 -13.49 -30.81
N ILE C 264 -5.69 -12.49 -31.07
CA ILE C 264 -6.16 -11.17 -31.45
C ILE C 264 -6.88 -11.27 -32.79
N LYS C 265 -6.25 -11.98 -33.75
CA LYS C 265 -6.85 -12.22 -35.05
C LYS C 265 -8.17 -13.00 -34.89
N GLN C 266 -8.16 -14.05 -34.07
CA GLN C 266 -9.37 -14.85 -33.85
C GLN C 266 -10.51 -13.97 -33.31
N ALA C 267 -10.16 -13.03 -32.43
CA ALA C 267 -11.16 -12.21 -31.78
C ALA C 267 -11.79 -11.25 -32.82
N GLN C 268 -10.94 -10.69 -33.68
CA GLN C 268 -11.42 -9.84 -34.75
C GLN C 268 -12.32 -10.66 -35.67
N ASP C 269 -12.06 -11.96 -35.81
CA ASP C 269 -12.74 -12.78 -36.83
C ASP C 269 -13.97 -13.51 -36.25
N ILE C 270 -14.52 -13.05 -35.13
CA ILE C 270 -15.67 -13.73 -34.54
C ILE C 270 -16.89 -13.61 -35.45
N PHE C 271 -16.91 -12.62 -36.37
CA PHE C 271 -18.09 -12.40 -37.21
C PHE C 271 -18.05 -13.31 -38.45
N SER C 272 -17.20 -14.34 -38.39
CA SER C 272 -17.11 -15.31 -39.46
C SER C 272 -18.08 -16.46 -39.19
N PHE C 273 -18.75 -16.43 -38.04
CA PHE C 273 -19.78 -17.39 -37.73
C PHE C 273 -20.86 -16.72 -36.87
N ASP C 274 -21.87 -17.50 -36.50
CA ASP C 274 -23.03 -16.97 -35.80
C ASP C 274 -23.54 -18.04 -34.84
N LEU C 275 -24.24 -17.60 -33.82
CA LEU C 275 -24.93 -18.49 -32.91
C LEU C 275 -26.42 -18.31 -33.13
N THR C 276 -27.19 -19.37 -32.91
CA THR C 276 -28.63 -19.29 -32.98
C THR C 276 -29.15 -18.73 -31.68
N GLU C 277 -30.43 -18.31 -31.68
CA GLU C 277 -31.05 -17.74 -30.49
C GLU C 277 -30.93 -18.70 -29.31
N GLU C 278 -31.20 -19.98 -29.56
CA GLU C 278 -31.25 -20.99 -28.52
C GLU C 278 -29.84 -21.23 -27.97
N GLU C 279 -28.83 -21.13 -28.85
CA GLU C 279 -27.44 -21.31 -28.45
C GLU C 279 -27.04 -20.16 -27.51
N VAL C 280 -27.47 -18.94 -27.84
CA VAL C 280 -27.13 -17.77 -27.04
C VAL C 280 -27.83 -17.87 -25.67
N LYS C 281 -29.12 -18.24 -25.67
CA LYS C 281 -29.86 -18.39 -24.42
C LYS C 281 -29.26 -19.50 -23.55
N LYS C 282 -28.78 -20.57 -24.18
CA LYS C 282 -28.26 -21.69 -23.42
C LYS C 282 -26.94 -21.29 -22.76
N ILE C 283 -26.09 -20.55 -23.50
CA ILE C 283 -24.87 -20.04 -22.90
C ILE C 283 -25.25 -19.17 -21.70
N THR C 284 -26.21 -18.27 -21.90
CA THR C 284 -26.66 -17.39 -20.84
C THR C 284 -27.13 -18.21 -19.63
N ASP C 285 -27.94 -19.24 -19.89
CA ASP C 285 -28.60 -19.96 -18.79
C ASP C 285 -27.58 -20.82 -18.05
N LEU C 286 -26.66 -21.45 -18.77
CA LEU C 286 -25.64 -22.27 -18.12
C LEU C 286 -24.67 -21.38 -17.32
N GLY C 287 -24.41 -20.17 -17.83
CA GLY C 287 -23.55 -19.21 -17.16
C GLY C 287 -24.13 -18.78 -15.82
N LEU C 288 -25.45 -18.59 -15.78
CA LEU C 288 -26.16 -18.07 -14.62
C LEU C 288 -26.15 -19.08 -13.49
N GLN C 289 -25.87 -20.35 -13.79
CA GLN C 289 -25.78 -21.37 -12.74
C GLN C 289 -24.51 -21.16 -11.91
N HIS C 290 -23.52 -20.43 -12.46
CA HIS C 290 -22.25 -20.22 -11.77
C HIS C 290 -22.36 -19.05 -10.80
N GLU C 291 -21.63 -19.12 -9.69
CA GLU C 291 -21.60 -18.02 -8.74
C GLU C 291 -20.73 -16.91 -9.33
N PRO C 292 -21.06 -15.63 -9.05
CA PRO C 292 -20.39 -14.49 -9.67
C PRO C 292 -18.86 -14.53 -9.54
N VAL C 293 -18.18 -14.27 -10.67
CA VAL C 293 -16.74 -14.04 -10.67
C VAL C 293 -16.50 -12.58 -11.09
N ARG C 294 -15.85 -11.82 -10.21
CA ARG C 294 -15.63 -10.39 -10.42
C ARG C 294 -14.13 -10.10 -10.32
N LEU C 295 -13.57 -9.51 -11.39
CA LEU C 295 -12.16 -9.19 -11.41
C LEU C 295 -11.91 -7.70 -11.19
N TRP C 296 -12.93 -6.86 -11.36
CA TRP C 296 -12.73 -5.42 -11.43
C TRP C 296 -13.67 -4.68 -10.46
N HIS C 297 -13.22 -3.51 -9.99
CA HIS C 297 -13.97 -2.73 -9.01
C HIS C 297 -14.46 -3.62 -7.85
N VAL C 298 -13.60 -4.52 -7.38
CA VAL C 298 -14.02 -5.61 -6.51
C VAL C 298 -14.42 -5.08 -5.12
N ASP C 299 -13.64 -4.15 -4.60
CA ASP C 299 -13.88 -3.64 -3.25
C ASP C 299 -15.19 -2.85 -3.22
N PHE C 300 -15.55 -2.26 -4.37
CA PHE C 300 -16.70 -1.39 -4.47
C PHE C 300 -17.98 -2.22 -4.68
N TYR C 301 -17.89 -3.27 -5.51
CA TYR C 301 -19.08 -3.89 -6.10
C TYR C 301 -19.29 -5.33 -5.63
N THR C 302 -18.37 -5.86 -4.82
CA THR C 302 -18.62 -7.13 -4.16
C THR C 302 -20.01 -7.12 -3.48
N LYS C 303 -20.42 -5.98 -2.94
CA LYS C 303 -21.70 -5.88 -2.26
C LYS C 303 -22.86 -6.20 -3.24
N TYR C 304 -22.58 -6.20 -4.55
CA TYR C 304 -23.63 -6.38 -5.56
C TYR C 304 -23.57 -7.80 -6.14
N ASN C 305 -22.79 -8.68 -5.53
CA ASN C 305 -22.61 -10.03 -6.05
C ASN C 305 -23.93 -10.80 -6.00
N SER C 306 -24.79 -10.51 -5.02
CA SER C 306 -26.04 -11.25 -4.88
C SER C 306 -26.97 -10.96 -6.06
N GLU C 307 -26.72 -9.87 -6.79
CA GLU C 307 -27.64 -9.48 -7.85
C GLU C 307 -27.01 -9.72 -9.22
N ALA C 308 -25.79 -10.26 -9.26
CA ALA C 308 -24.98 -10.18 -10.47
C ALA C 308 -25.30 -11.35 -11.40
N GLN C 309 -25.84 -12.40 -10.81
CA GLN C 309 -26.22 -13.60 -11.53
C GLN C 309 -27.69 -13.91 -11.22
N ASN D 3 27.33 -25.76 -29.00
CA ASN D 3 26.79 -26.77 -28.07
C ASN D 3 26.87 -26.21 -26.65
N GLN D 4 25.99 -26.71 -25.78
CA GLN D 4 25.54 -25.97 -24.63
C GLN D 4 26.67 -25.89 -23.60
N LYS D 5 26.86 -24.72 -22.98
CA LYS D 5 27.90 -24.53 -21.99
C LYS D 5 27.32 -24.64 -20.59
N PHE D 6 28.18 -25.02 -19.64
CA PHE D 6 27.82 -25.19 -18.26
C PHE D 6 28.84 -24.48 -17.40
N PHE D 7 28.41 -24.08 -16.21
CA PHE D 7 29.35 -23.70 -15.16
C PHE D 7 29.52 -24.88 -14.23
N THR D 8 30.73 -24.99 -13.66
CA THR D 8 30.99 -25.94 -12.60
C THR D 8 30.97 -25.20 -11.27
N LEU D 9 30.03 -25.57 -10.40
CA LEU D 9 29.93 -24.99 -9.06
C LEU D 9 31.01 -25.57 -8.14
N SER D 10 31.12 -25.00 -6.94
CA SER D 10 32.21 -25.31 -6.03
C SER D 10 32.07 -26.71 -5.45
N ASN D 11 30.89 -27.33 -5.62
CA ASN D 11 30.64 -28.68 -5.16
C ASN D 11 30.85 -29.66 -6.31
N GLY D 12 31.27 -29.14 -7.47
CA GLY D 12 31.55 -29.99 -8.62
C GLY D 12 30.35 -30.14 -9.56
N ASN D 13 29.15 -29.71 -9.14
CA ASN D 13 27.95 -29.92 -9.96
C ASN D 13 27.93 -28.97 -11.16
N LYS D 14 27.18 -29.38 -12.19
CA LYS D 14 27.02 -28.60 -13.42
C LYS D 14 25.70 -27.83 -13.40
N ILE D 15 25.74 -26.60 -13.90
CA ILE D 15 24.54 -25.81 -14.10
C ILE D 15 24.58 -25.20 -15.51
N PRO D 16 23.48 -25.27 -16.29
CA PRO D 16 23.43 -24.66 -17.62
C PRO D 16 23.71 -23.16 -17.54
N ALA D 17 24.58 -22.67 -18.44
CA ALA D 17 25.25 -21.39 -18.23
C ALA D 17 24.36 -20.21 -18.67
N VAL D 18 23.13 -20.49 -19.13
CA VAL D 18 22.12 -19.46 -19.29
C VAL D 18 20.78 -19.99 -18.79
N ALA D 19 20.02 -19.13 -18.10
CA ALA D 19 18.64 -19.45 -17.76
C ALA D 19 17.73 -18.65 -18.71
N VAL D 20 16.91 -19.35 -19.49
CA VAL D 20 16.36 -18.78 -20.70
C VAL D 20 14.91 -18.39 -20.48
N VAL D 21 14.27 -18.97 -19.48
CA VAL D 21 12.89 -18.63 -19.20
C VAL D 21 12.66 -18.59 -17.70
N GLY D 22 11.80 -17.67 -17.26
CA GLY D 22 11.46 -17.52 -15.86
C GLY D 22 9.95 -17.33 -15.69
N VAL D 23 9.48 -17.46 -14.46
CA VAL D 23 8.05 -17.43 -14.18
C VAL D 23 7.77 -16.30 -13.19
N GLY D 24 8.64 -15.29 -13.22
CA GLY D 24 8.51 -14.12 -12.37
C GLY D 24 7.77 -13.00 -13.08
N THR D 25 7.94 -12.91 -14.41
CA THR D 25 7.37 -11.83 -15.17
C THR D 25 6.32 -12.39 -16.13
N LYS D 26 5.12 -11.82 -16.07
CA LYS D 26 4.05 -12.19 -16.96
C LYS D 26 3.35 -10.94 -17.48
N TRP D 27 2.61 -11.11 -18.59
CA TRP D 27 1.54 -10.20 -18.98
C TRP D 27 0.58 -10.02 -17.81
N ALA D 28 0.48 -8.77 -17.33
CA ALA D 28 -0.26 -8.47 -16.10
C ALA D 28 -0.86 -7.07 -16.21
N HIS D 29 -2.03 -6.90 -15.58
CA HIS D 29 -2.87 -5.74 -15.82
C HIS D 29 -2.29 -4.53 -15.08
N ALA D 30 -2.39 -3.36 -15.75
CA ALA D 30 -1.86 -2.12 -15.22
C ALA D 30 -2.71 -1.65 -14.03
N ASP D 34 -4.02 -9.04 -9.26
CA ASP D 34 -5.18 -9.84 -8.76
C ASP D 34 -4.72 -11.23 -8.32
N ALA D 35 -3.43 -11.54 -8.50
CA ALA D 35 -2.85 -12.83 -8.11
C ALA D 35 -3.65 -13.98 -8.73
N THR D 36 -3.58 -14.08 -10.06
CA THR D 36 -4.42 -14.99 -10.83
C THR D 36 -3.56 -15.81 -11.79
N PHE D 37 -4.16 -16.85 -12.37
CA PHE D 37 -3.45 -17.78 -13.25
C PHE D 37 -3.25 -17.14 -14.61
N SER D 38 -2.05 -17.34 -15.18
CA SER D 38 -1.69 -16.80 -16.48
C SER D 38 -1.43 -17.94 -17.46
N GLN D 39 -2.40 -18.17 -18.35
CA GLN D 39 -2.31 -19.22 -19.36
C GLN D 39 -1.17 -18.89 -20.32
N GLU D 40 -0.95 -17.59 -20.57
CA GLU D 40 0.09 -17.14 -21.48
C GLU D 40 1.47 -17.59 -20.98
N LEU D 41 1.69 -17.51 -19.65
CA LEU D 41 2.96 -17.88 -19.06
C LEU D 41 3.16 -19.40 -19.11
N THR D 42 2.14 -20.17 -18.74
CA THR D 42 2.25 -21.62 -18.79
C THR D 42 2.53 -22.07 -20.23
N ASP D 43 1.89 -21.40 -21.22
CA ASP D 43 2.05 -21.76 -22.63
C ASP D 43 3.50 -21.55 -23.09
N ILE D 44 4.10 -20.41 -22.71
CA ILE D 44 5.44 -20.07 -23.18
C ILE D 44 6.45 -21.03 -22.55
N VAL D 45 6.16 -21.49 -21.34
CA VAL D 45 7.05 -22.37 -20.60
C VAL D 45 6.96 -23.79 -21.18
N LYS D 46 5.74 -24.25 -21.46
CA LYS D 46 5.58 -25.55 -22.10
C LYS D 46 6.28 -25.55 -23.47
N LEU D 47 6.12 -24.47 -24.22
CA LEU D 47 6.66 -24.36 -25.56
C LEU D 47 8.20 -24.29 -25.53
N SER D 48 8.74 -23.65 -24.49
CA SER D 48 10.18 -23.63 -24.24
C SER D 48 10.67 -25.06 -23.99
N LEU D 49 9.93 -25.80 -23.17
CA LEU D 49 10.32 -27.14 -22.80
C LEU D 49 10.23 -28.06 -24.02
N ASP D 50 9.31 -27.76 -24.93
CA ASP D 50 9.08 -28.60 -26.10
C ASP D 50 10.20 -28.39 -27.13
N THR D 51 10.61 -27.14 -27.34
CA THR D 51 11.27 -26.78 -28.60
C THR D 51 12.67 -26.22 -28.37
N VAL D 52 13.09 -26.08 -27.11
CA VAL D 52 14.40 -25.53 -26.83
C VAL D 52 15.38 -26.67 -26.68
N PRO D 53 16.40 -26.78 -27.55
CA PRO D 53 17.35 -27.87 -27.47
C PRO D 53 18.15 -27.79 -26.17
N GLY D 54 18.42 -28.95 -25.57
CA GLY D 54 19.39 -29.08 -24.50
C GLY D 54 18.71 -29.08 -23.13
N ILE D 55 19.51 -28.83 -22.09
CA ILE D 55 18.98 -28.67 -20.74
C ILE D 55 18.38 -27.28 -20.65
N VAL D 56 17.12 -27.20 -20.25
CA VAL D 56 16.45 -25.92 -20.18
C VAL D 56 16.43 -25.45 -18.72
N HIS D 57 17.09 -24.31 -18.51
CA HIS D 57 17.28 -23.77 -17.18
C HIS D 57 16.18 -22.73 -16.93
N ILE D 58 15.33 -23.03 -15.94
CA ILE D 58 14.15 -22.24 -15.63
C ILE D 58 14.34 -21.61 -14.24
N ASP D 59 13.94 -20.35 -14.10
CA ASP D 59 14.12 -19.60 -12.87
C ASP D 59 12.74 -19.32 -12.27
N ALA D 60 12.51 -19.83 -11.06
CA ALA D 60 11.23 -19.72 -10.38
C ALA D 60 11.49 -19.21 -8.96
N ALA D 61 10.42 -18.86 -8.25
CA ALA D 61 10.56 -18.38 -6.88
C ALA D 61 9.22 -18.46 -6.18
N GLU D 62 9.26 -18.82 -4.91
CA GLU D 62 8.07 -18.82 -4.08
C GLU D 62 7.28 -17.52 -4.22
N MET D 63 7.96 -16.37 -4.23
CA MET D 63 7.25 -15.09 -4.10
C MET D 63 6.56 -14.71 -5.41
N TYR D 64 6.91 -15.38 -6.51
CA TYR D 64 6.30 -15.11 -7.81
C TYR D 64 4.85 -15.58 -7.83
N LYS D 65 4.53 -16.60 -7.01
CA LYS D 65 3.22 -17.23 -6.97
C LYS D 65 2.84 -17.74 -8.36
N THR D 66 3.78 -18.45 -9.03
CA THR D 66 3.50 -19.01 -10.34
C THR D 66 3.81 -20.50 -10.38
N TYR D 67 3.88 -21.15 -9.23
CA TYR D 67 4.12 -22.58 -9.20
C TYR D 67 3.04 -23.31 -10.01
N PRO D 68 1.73 -22.96 -9.89
CA PRO D 68 0.68 -23.62 -10.68
C PRO D 68 0.96 -23.57 -12.18
N GLU D 69 1.38 -22.41 -12.69
CA GLU D 69 1.68 -22.25 -14.10
C GLU D 69 2.84 -23.15 -14.49
N LEU D 70 3.89 -23.16 -13.65
CA LEU D 70 5.08 -23.91 -13.96
C LEU D 70 4.78 -25.40 -13.82
N GLY D 71 3.96 -25.75 -12.82
CA GLY D 71 3.53 -27.11 -12.59
C GLY D 71 2.73 -27.67 -13.76
N ALA D 72 1.84 -26.84 -14.30
CA ALA D 72 1.03 -27.22 -15.44
C ALA D 72 1.91 -27.52 -16.66
N ALA D 73 2.90 -26.66 -16.92
CA ALA D 73 3.76 -26.80 -18.10
C ALA D 73 4.66 -28.04 -17.94
N LEU D 74 5.05 -28.33 -16.70
CA LEU D 74 5.87 -29.49 -16.41
C LEU D 74 5.01 -30.75 -16.47
N LYS D 75 3.74 -30.63 -16.08
CA LYS D 75 2.78 -31.72 -16.22
C LYS D 75 2.70 -32.14 -17.70
N GLU D 76 2.62 -31.15 -18.60
CA GLU D 76 2.07 -31.33 -19.93
C GLU D 76 3.18 -31.70 -20.93
N THR D 77 4.42 -31.30 -20.62
CA THR D 77 5.53 -31.45 -21.56
C THR D 77 6.03 -32.90 -21.57
N LYS D 78 6.72 -33.26 -22.66
CA LYS D 78 7.37 -34.56 -22.79
C LYS D 78 8.86 -34.43 -22.49
N LYS D 79 9.35 -33.19 -22.33
CA LYS D 79 10.74 -32.94 -22.00
C LYS D 79 11.08 -33.73 -20.74
N PRO D 80 12.08 -34.63 -20.78
CA PRO D 80 12.46 -35.42 -19.61
C PRO D 80 12.98 -34.54 -18.48
N ARG D 81 12.77 -35.00 -17.24
CA ARG D 81 13.05 -34.24 -16.04
C ARG D 81 14.53 -33.85 -15.99
N GLU D 82 15.39 -34.72 -16.53
CA GLU D 82 16.83 -34.50 -16.43
C GLU D 82 17.31 -33.56 -17.54
N GLU D 83 16.40 -33.13 -18.41
CA GLU D 83 16.72 -32.11 -19.42
C GLU D 83 16.17 -30.75 -18.98
N ILE D 84 15.85 -30.63 -17.69
CA ILE D 84 15.32 -29.38 -17.13
C ILE D 84 16.11 -29.04 -15.87
N PHE D 85 16.53 -27.79 -15.76
CA PHE D 85 17.17 -27.31 -14.55
C PHE D 85 16.27 -26.26 -13.90
N ILE D 86 15.73 -26.61 -12.73
CA ILE D 86 14.79 -25.74 -12.03
C ILE D 86 15.52 -25.04 -10.89
N THR D 87 15.53 -23.71 -10.95
CA THR D 87 15.93 -22.86 -9.83
C THR D 87 14.67 -22.34 -9.14
N ASP D 88 14.61 -22.52 -7.81
CA ASP D 88 13.53 -22.01 -7.01
C ASP D 88 14.15 -21.20 -5.86
N LYS D 89 13.33 -20.40 -5.16
CA LYS D 89 13.82 -19.47 -4.16
C LYS D 89 12.84 -19.39 -2.99
N PHE D 90 13.36 -19.49 -1.78
CA PHE D 90 12.60 -19.22 -0.58
C PHE D 90 12.36 -17.72 -0.42
N SER D 91 11.09 -17.33 -0.23
CA SER D 91 10.69 -15.92 -0.12
C SER D 91 10.96 -15.43 1.30
N SER D 92 12.13 -14.85 1.49
CA SER D 92 12.56 -14.34 2.77
C SER D 92 12.13 -12.88 2.93
N LEU D 93 11.89 -12.19 1.81
CA LEU D 93 11.49 -10.79 1.86
C LEU D 93 10.03 -10.67 2.26
N HIS D 94 9.16 -11.45 1.62
CA HIS D 94 7.76 -11.51 2.02
C HIS D 94 7.40 -12.95 2.42
N LYS D 95 7.04 -13.11 3.70
CA LYS D 95 6.79 -14.41 4.28
C LYS D 95 5.59 -15.05 3.57
N ILE D 96 5.82 -16.24 2.99
CA ILE D 96 4.74 -17.09 2.49
C ILE D 96 4.74 -18.41 3.27
N SER D 97 5.93 -18.93 3.55
CA SER D 97 6.07 -20.11 4.40
C SER D 97 6.85 -19.75 5.66
N GLU D 98 6.83 -20.66 6.63
CA GLU D 98 7.53 -20.42 7.89
C GLU D 98 9.04 -20.51 7.68
N ASP D 99 9.49 -21.39 6.77
CA ASP D 99 10.92 -21.66 6.65
C ASP D 99 11.20 -22.39 5.33
N PRO D 100 12.48 -22.49 4.90
CA PRO D 100 12.80 -23.06 3.58
C PRO D 100 12.31 -24.49 3.37
N LYS D 101 12.40 -25.30 4.43
CA LYS D 101 12.01 -26.70 4.39
C LYS D 101 10.53 -26.80 4.01
N SER D 102 9.70 -25.95 4.63
CA SER D 102 8.27 -25.98 4.41
C SER D 102 7.93 -25.36 3.06
N ALA D 103 8.64 -24.26 2.71
CA ALA D 103 8.45 -23.62 1.42
C ALA D 103 8.73 -24.61 0.29
N LEU D 104 9.84 -25.36 0.41
CA LEU D 104 10.22 -26.24 -0.68
C LEU D 104 9.28 -27.44 -0.74
N GLU D 105 8.82 -27.93 0.41
CA GLU D 105 7.86 -29.02 0.40
C GLU D 105 6.59 -28.59 -0.36
N THR D 106 6.13 -27.37 -0.10
CA THR D 106 4.97 -26.84 -0.78
C THR D 106 5.24 -26.68 -2.27
N ALA D 107 6.43 -26.17 -2.62
CA ALA D 107 6.75 -25.91 -4.01
C ALA D 107 6.76 -27.23 -4.80
N LEU D 108 7.42 -28.26 -4.27
CA LEU D 108 7.59 -29.52 -4.97
C LEU D 108 6.22 -30.13 -5.27
N ASN D 109 5.31 -30.03 -4.30
CA ASN D 109 3.97 -30.60 -4.44
C ASN D 109 3.20 -29.84 -5.51
N LYS D 110 3.34 -28.52 -5.52
CA LYS D 110 2.63 -27.70 -6.50
C LYS D 110 3.29 -27.86 -7.86
N LEU D 111 4.62 -27.99 -7.89
CA LEU D 111 5.33 -28.18 -9.16
C LEU D 111 5.09 -29.58 -9.68
N GLY D 112 4.90 -30.54 -8.76
CA GLY D 112 4.77 -31.95 -9.12
C GLY D 112 6.12 -32.57 -9.49
N VAL D 113 7.16 -32.24 -8.72
CA VAL D 113 8.48 -32.81 -8.92
C VAL D 113 9.02 -33.21 -7.56
N ASP D 114 10.16 -33.92 -7.56
CA ASP D 114 10.70 -34.49 -6.34
C ASP D 114 11.90 -33.67 -5.84
N TYR D 115 12.42 -32.80 -6.70
CA TYR D 115 13.52 -31.94 -6.28
C TYR D 115 13.59 -30.72 -7.18
N VAL D 116 14.28 -29.70 -6.72
CA VAL D 116 14.74 -28.64 -7.57
C VAL D 116 16.26 -28.73 -7.70
N ASP D 117 16.78 -28.12 -8.76
CA ASP D 117 18.17 -28.26 -9.10
C ASP D 117 18.98 -27.19 -8.36
N LEU D 118 18.32 -26.09 -8.00
CA LEU D 118 18.98 -25.01 -7.26
C LEU D 118 17.94 -24.31 -6.40
N TYR D 119 18.27 -24.14 -5.13
CA TYR D 119 17.38 -23.46 -4.21
C TYR D 119 18.14 -22.31 -3.55
N LEU D 120 17.55 -21.10 -3.64
CA LEU D 120 18.18 -19.89 -3.17
C LEU D 120 17.36 -19.30 -2.04
N ILE D 121 18.03 -18.66 -1.08
CA ILE D 121 17.38 -17.65 -0.24
C ILE D 121 17.24 -16.34 -1.05
N HIS D 122 16.02 -15.85 -1.19
CA HIS D 122 15.71 -14.86 -2.20
C HIS D 122 16.25 -13.49 -1.83
N SER D 123 16.36 -13.21 -0.53
CA SER D 123 16.76 -11.90 -0.08
C SER D 123 17.45 -11.99 1.28
N PRO D 124 18.47 -11.14 1.55
CA PRO D 124 18.99 -10.98 2.89
C PRO D 124 18.09 -10.20 3.82
N PHE D 125 17.10 -9.49 3.27
CA PHE D 125 16.26 -8.61 4.07
C PHE D 125 15.07 -9.37 4.62
N PHE D 126 15.31 -10.15 5.67
CA PHE D 126 14.33 -11.09 6.16
C PHE D 126 13.09 -10.34 6.66
N ASP D 127 11.93 -10.92 6.35
CA ASP D 127 10.65 -10.43 6.80
C ASP D 127 10.60 -10.46 8.32
N LYS D 128 10.07 -9.39 8.92
CA LYS D 128 9.96 -9.29 10.37
C LYS D 128 9.05 -10.38 10.92
N ASP D 129 8.19 -10.95 10.06
CA ASP D 129 7.22 -11.95 10.51
C ASP D 129 7.84 -13.34 10.56
N LEU D 130 9.05 -13.51 9.96
CA LEU D 130 9.71 -14.81 10.02
C LEU D 130 10.22 -15.06 11.43
N ASN D 131 10.15 -16.33 11.85
CA ASN D 131 10.65 -16.75 13.16
C ASN D 131 11.95 -17.52 12.96
N ILE D 132 12.62 -17.23 11.85
CA ILE D 132 13.87 -17.87 11.50
C ILE D 132 14.82 -16.76 11.03
N ASP D 133 16.11 -16.91 11.32
CA ASP D 133 17.11 -15.96 10.86
C ASP D 133 17.96 -16.59 9.76
N LEU D 134 18.93 -15.83 9.24
CA LEU D 134 19.70 -16.24 8.09
C LEU D 134 20.48 -17.53 8.40
N GLU D 135 21.15 -17.57 9.55
CA GLU D 135 21.93 -18.76 9.95
C GLU D 135 21.03 -20.00 9.88
N THR D 136 19.91 -19.94 10.61
CA THR D 136 18.98 -21.06 10.72
C THR D 136 18.47 -21.44 9.33
N ALA D 137 18.11 -20.44 8.51
CA ALA D 137 17.58 -20.72 7.18
C ALA D 137 18.65 -21.45 6.35
N TRP D 138 19.90 -21.02 6.49
CA TRP D 138 20.96 -21.58 5.66
C TRP D 138 21.16 -23.05 6.03
N LYS D 139 21.07 -23.36 7.32
CA LYS D 139 21.26 -24.71 7.80
C LYS D 139 20.15 -25.62 7.26
N GLN D 140 18.94 -25.07 7.17
CA GLN D 140 17.82 -25.78 6.57
C GLN D 140 18.14 -26.10 5.10
N LEU D 141 18.73 -25.15 4.37
CA LEU D 141 19.11 -25.41 2.98
C LEU D 141 20.17 -26.53 2.91
N GLU D 142 21.10 -26.54 3.87
CA GLU D 142 22.15 -27.56 3.91
C GLU D 142 21.51 -28.95 4.03
N GLU D 143 20.44 -29.06 4.83
CA GLU D 143 19.74 -30.31 5.06
C GLU D 143 18.93 -30.72 3.82
N LEU D 144 18.28 -29.74 3.16
CA LEU D 144 17.58 -30.01 1.91
C LEU D 144 18.58 -30.46 0.85
N TYR D 145 19.80 -29.93 0.92
CA TYR D 145 20.85 -30.24 -0.05
C TYR D 145 21.27 -31.70 0.09
N LYS D 146 21.53 -32.12 1.33
CA LYS D 146 22.03 -33.46 1.60
C LYS D 146 20.93 -34.50 1.38
N SER D 147 19.66 -34.10 1.54
CA SER D 147 18.55 -35.01 1.30
C SER D 147 18.24 -35.11 -0.20
N GLY D 148 18.78 -34.16 -0.99
CA GLY D 148 18.63 -34.20 -2.43
C GLY D 148 17.37 -33.51 -2.93
N LYS D 149 16.64 -32.88 -2.03
CA LYS D 149 15.47 -32.09 -2.42
C LYS D 149 15.93 -30.85 -3.19
N ALA D 150 17.14 -30.39 -2.87
CA ALA D 150 17.80 -29.34 -3.62
C ALA D 150 19.20 -29.82 -3.98
N LYS D 151 19.49 -29.92 -5.29
CA LYS D 151 20.75 -30.45 -5.76
C LYS D 151 21.89 -29.45 -5.55
N ASN D 152 21.54 -28.16 -5.43
CA ASN D 152 22.51 -27.12 -5.18
C ASN D 152 21.83 -26.03 -4.36
N ILE D 153 22.59 -25.32 -3.54
CA ILE D 153 22.01 -24.27 -2.70
C ILE D 153 22.81 -22.97 -2.85
N GLY D 154 22.10 -21.85 -2.60
CA GLY D 154 22.74 -20.55 -2.63
C GLY D 154 21.82 -19.43 -2.16
N VAL D 155 22.15 -18.21 -2.58
CA VAL D 155 21.53 -17.03 -2.06
C VAL D 155 21.23 -16.10 -3.21
N SER D 156 20.48 -15.03 -2.91
CA SER D 156 20.11 -14.07 -3.90
C SER D 156 20.13 -12.66 -3.30
N ASN D 157 20.82 -11.74 -4.01
CA ASN D 157 20.82 -10.32 -3.66
C ASN D 157 21.63 -10.09 -2.38
N PHE D 158 22.59 -10.97 -2.11
CA PHE D 158 23.40 -10.83 -0.91
C PHE D 158 24.55 -9.86 -1.14
N THR D 159 24.81 -9.06 -0.12
CA THR D 159 26.01 -8.26 -0.03
C THR D 159 27.19 -9.11 0.44
N VAL D 160 28.38 -8.52 0.39
CA VAL D 160 29.57 -9.15 0.94
C VAL D 160 29.35 -9.42 2.43
N GLU D 161 28.78 -8.46 3.15
CA GLU D 161 28.47 -8.64 4.57
C GLU D 161 27.58 -9.87 4.79
N ASP D 162 26.54 -10.03 3.97
CA ASP D 162 25.59 -11.14 4.15
C ASP D 162 26.29 -12.47 3.86
N LEU D 163 27.08 -12.53 2.79
CA LEU D 163 27.83 -13.73 2.43
C LEU D 163 28.78 -14.12 3.55
N LYS D 164 29.39 -13.12 4.20
CA LYS D 164 30.31 -13.39 5.30
C LYS D 164 29.54 -14.06 6.46
N LYS D 165 28.31 -13.59 6.74
CA LYS D 165 27.48 -14.20 7.78
C LYS D 165 27.24 -15.67 7.47
N VAL D 166 26.90 -16.00 6.21
CA VAL D 166 26.68 -17.38 5.80
C VAL D 166 27.99 -18.17 5.87
N LEU D 167 29.05 -17.64 5.24
CA LEU D 167 30.34 -18.31 5.20
C LEU D 167 30.81 -18.68 6.61
N ALA D 168 30.46 -17.86 7.60
CA ALA D 168 30.94 -18.03 8.96
C ALA D 168 30.32 -19.25 9.64
N ILE D 169 29.14 -19.71 9.20
CA ILE D 169 28.45 -20.79 9.92
C ILE D 169 28.21 -22.00 9.01
N ALA D 170 28.73 -21.95 7.78
CA ALA D 170 28.32 -22.91 6.75
C ALA D 170 29.18 -24.17 6.83
N GLU D 171 28.52 -25.33 6.87
CA GLU D 171 29.13 -26.60 6.48
C GLU D 171 29.34 -26.61 4.97
N ILE D 172 28.28 -26.22 4.23
CA ILE D 172 28.27 -26.20 2.78
C ILE D 172 28.34 -24.74 2.32
N LYS D 173 29.41 -24.38 1.61
CA LYS D 173 29.55 -23.02 1.08
C LYS D 173 28.43 -22.77 0.07
N PRO D 174 27.78 -21.58 0.08
CA PRO D 174 26.80 -21.26 -0.95
C PRO D 174 27.42 -21.33 -2.34
N GLN D 175 26.75 -22.01 -3.26
CA GLN D 175 27.30 -22.28 -4.56
C GLN D 175 26.98 -21.14 -5.52
N VAL D 176 25.92 -20.40 -5.20
CA VAL D 176 25.41 -19.36 -6.10
C VAL D 176 24.96 -18.14 -5.29
N ASN D 177 25.17 -16.95 -5.90
CA ASN D 177 24.58 -15.69 -5.45
C ASN D 177 23.95 -14.98 -6.66
N GLN D 178 22.64 -15.04 -6.75
CA GLN D 178 21.95 -14.45 -7.88
C GLN D 178 21.72 -12.96 -7.59
N ILE D 179 22.36 -12.12 -8.38
CA ILE D 179 22.29 -10.67 -8.18
C ILE D 179 21.77 -10.02 -9.45
N GLU D 180 21.39 -8.74 -9.35
CA GLU D 180 21.14 -7.94 -10.52
C GLU D 180 22.49 -7.52 -11.09
N PHE D 181 22.69 -7.82 -12.36
CA PHE D 181 23.95 -7.48 -13.01
C PHE D 181 23.71 -7.23 -14.49
N SER D 182 24.25 -6.10 -14.97
CA SER D 182 24.20 -5.75 -16.37
C SER D 182 25.35 -4.80 -16.67
N PRO D 183 25.56 -4.41 -17.95
CA PRO D 183 26.59 -3.43 -18.28
C PRO D 183 26.38 -2.08 -17.60
N PHE D 184 25.16 -1.82 -17.09
CA PHE D 184 24.86 -0.57 -16.41
C PHE D 184 24.60 -0.79 -14.92
N LEU D 185 24.86 -2.02 -14.44
CA LEU D 185 24.93 -2.27 -13.01
C LEU D 185 25.93 -3.38 -12.73
N GLN D 186 27.21 -3.03 -12.67
CA GLN D 186 28.27 -4.03 -12.68
C GLN D 186 28.72 -4.39 -11.27
N ASN D 187 28.13 -3.75 -10.25
CA ASN D 187 28.19 -4.25 -8.88
C ASN D 187 26.90 -3.88 -8.13
N GLN D 188 26.00 -4.85 -8.00
CA GLN D 188 24.70 -4.61 -7.37
C GLN D 188 24.90 -3.93 -6.03
N THR D 189 25.80 -4.50 -5.23
CA THR D 189 26.25 -3.91 -3.98
C THR D 189 27.76 -3.87 -4.01
N PRO D 190 28.42 -3.07 -3.14
CA PRO D 190 29.83 -2.72 -3.34
C PRO D 190 30.73 -3.95 -3.31
N GLY D 191 31.49 -4.14 -4.38
CA GLY D 191 32.53 -5.15 -4.41
C GLY D 191 31.98 -6.58 -4.48
N ILE D 192 30.67 -6.76 -4.70
CA ILE D 192 30.06 -8.08 -4.60
C ILE D 192 30.62 -9.02 -5.69
N VAL D 193 30.87 -8.51 -6.90
CA VAL D 193 31.27 -9.37 -8.01
C VAL D 193 32.66 -9.95 -7.72
N GLU D 194 33.63 -9.08 -7.40
CA GLU D 194 34.99 -9.48 -7.04
C GLU D 194 34.97 -10.49 -5.89
N PHE D 195 34.28 -10.13 -4.80
CA PHE D 195 34.27 -10.95 -3.60
C PHE D 195 33.68 -12.33 -3.91
N SER D 196 32.60 -12.37 -4.68
CA SER D 196 31.94 -13.63 -4.98
C SER D 196 32.85 -14.51 -5.83
N GLN D 197 33.51 -13.92 -6.83
CA GLN D 197 34.28 -14.70 -7.78
C GLN D 197 35.58 -15.22 -7.15
N LYS D 198 36.14 -14.49 -6.19
CA LYS D 198 37.37 -14.94 -5.55
C LYS D 198 37.06 -16.02 -4.51
N ASN D 199 35.79 -16.09 -4.07
CA ASN D 199 35.36 -17.09 -3.11
C ASN D 199 34.62 -18.26 -3.80
N ASP D 200 34.73 -18.34 -5.14
CA ASP D 200 34.18 -19.44 -5.93
C ASP D 200 32.68 -19.59 -5.68
N ILE D 201 31.99 -18.47 -5.52
CA ILE D 201 30.55 -18.43 -5.49
C ILE D 201 30.10 -17.95 -6.85
N LEU D 202 29.33 -18.77 -7.58
CA LEU D 202 28.91 -18.40 -8.92
C LEU D 202 27.87 -17.29 -8.83
N LEU D 203 28.09 -16.21 -9.58
CA LEU D 203 27.07 -15.21 -9.73
C LEU D 203 26.11 -15.61 -10.85
N GLU D 204 24.84 -15.35 -10.62
CA GLU D 204 23.84 -15.27 -11.67
C GLU D 204 23.45 -13.81 -11.83
N ALA D 205 23.21 -13.40 -13.07
CA ALA D 205 22.85 -12.03 -13.36
C ALA D 205 21.38 -12.00 -13.76
N TYR D 206 20.57 -11.40 -12.88
CA TYR D 206 19.20 -11.05 -13.17
C TYR D 206 19.18 -9.75 -13.94
N SER D 207 18.20 -9.62 -14.84
CA SER D 207 18.00 -8.43 -15.65
C SER D 207 19.28 -8.01 -16.36
N PRO D 208 19.99 -8.95 -17.01
CA PRO D 208 21.20 -8.59 -17.75
C PRO D 208 20.91 -7.64 -18.91
N LEU D 209 19.64 -7.61 -19.37
CA LEU D 209 19.25 -6.88 -20.57
C LEU D 209 18.61 -5.53 -20.22
N GLY D 210 18.86 -5.04 -18.99
CA GLY D 210 18.41 -3.72 -18.58
C GLY D 210 18.70 -2.65 -19.63
N PRO D 211 19.92 -2.57 -20.19
CA PRO D 211 20.27 -1.56 -21.19
C PRO D 211 19.39 -1.51 -22.43
N LEU D 212 18.70 -2.62 -22.73
CA LEU D 212 17.93 -2.76 -23.96
C LEU D 212 16.45 -2.49 -23.71
N ALA D 213 16.03 -2.44 -22.44
CA ALA D 213 14.63 -2.26 -22.13
C ALA D 213 14.17 -0.88 -22.64
N LYS D 215 15.94 2.11 -24.33
CA LYS D 215 17.17 2.79 -24.84
C LYS D 215 17.02 4.31 -24.66
N THR D 217 16.70 7.20 -27.11
CA THR D 217 16.53 8.21 -28.20
C THR D 217 17.86 8.44 -28.90
N ASP D 218 18.87 8.87 -28.12
CA ASP D 218 20.18 9.23 -28.64
C ASP D 218 21.03 7.98 -28.81
N ALA D 219 20.39 6.80 -28.82
CA ALA D 219 21.08 5.53 -28.90
C ALA D 219 22.13 5.58 -30.01
N ASP D 220 21.76 6.17 -31.14
CA ASP D 220 22.61 6.21 -32.33
C ASP D 220 23.95 6.87 -31.98
N GLN D 221 23.94 7.77 -31.00
CA GLN D 221 25.03 8.71 -30.79
C GLN D 221 25.88 8.30 -29.59
N GLN D 222 25.54 7.17 -28.95
CA GLN D 222 26.17 6.78 -27.70
C GLN D 222 27.08 5.57 -27.93
N PRO D 223 28.38 5.68 -27.57
CA PRO D 223 29.36 4.65 -27.91
C PRO D 223 29.01 3.23 -27.44
N PHE D 224 28.30 3.09 -26.32
CA PHE D 224 27.92 1.78 -25.83
C PHE D 224 27.03 1.09 -26.85
N TYR D 225 26.04 1.82 -27.35
CA TYR D 225 25.01 1.25 -28.21
C TYR D 225 25.54 1.07 -29.64
N GLN D 226 26.41 1.99 -30.07
CA GLN D 226 27.05 1.89 -31.38
C GLN D 226 27.88 0.61 -31.44
N TYR D 227 28.57 0.29 -30.34
CA TYR D 227 29.44 -0.87 -30.31
C TYR D 227 28.61 -2.17 -30.24
N LEU D 228 27.55 -2.13 -29.45
CA LEU D 228 26.69 -3.30 -29.30
C LEU D 228 26.07 -3.63 -30.66
N LYS D 229 25.73 -2.59 -31.43
CA LYS D 229 25.21 -2.76 -32.77
C LYS D 229 26.28 -3.39 -33.67
N GLU D 230 27.51 -2.84 -33.60
CA GLU D 230 28.62 -3.35 -34.40
C GLU D 230 28.84 -4.85 -34.15
N LEU D 231 28.86 -5.29 -32.87
CA LEU D 231 29.09 -6.70 -32.55
C LEU D 231 27.93 -7.55 -33.06
N SER D 232 26.70 -7.03 -32.89
CA SER D 232 25.49 -7.68 -33.36
C SER D 232 25.59 -7.99 -34.85
N GLU D 233 26.09 -7.01 -35.61
CA GLU D 233 26.27 -7.16 -37.05
C GLU D 233 27.45 -8.10 -37.36
N LYS D 234 28.52 -8.02 -36.57
CA LYS D 234 29.68 -8.86 -36.81
C LYS D 234 29.31 -10.35 -36.75
N TYR D 235 28.59 -10.74 -35.68
CA TYR D 235 28.32 -12.13 -35.39
C TYR D 235 27.01 -12.59 -35.99
N ASN D 236 26.24 -11.63 -36.54
CA ASN D 236 24.87 -11.85 -36.98
C ASN D 236 24.04 -12.42 -35.84
N LYS D 237 24.01 -11.69 -34.72
CA LYS D 237 23.23 -12.07 -33.57
C LYS D 237 22.45 -10.85 -33.10
N THR D 238 21.44 -11.07 -32.26
CA THR D 238 20.71 -9.98 -31.64
C THR D 238 21.62 -9.29 -30.62
N GLU D 239 21.33 -8.03 -30.32
CA GLU D 239 22.06 -7.29 -29.32
C GLU D 239 21.81 -7.93 -27.95
N ALA D 240 20.64 -8.54 -27.76
CA ALA D 240 20.33 -9.30 -26.55
C ALA D 240 21.33 -10.46 -26.43
N GLN D 241 21.53 -11.21 -27.51
CA GLN D 241 22.42 -12.36 -27.48
C GLN D 241 23.83 -11.91 -27.10
N VAL D 242 24.26 -10.77 -27.65
CA VAL D 242 25.61 -10.27 -27.41
C VAL D 242 25.76 -9.97 -25.91
N LEU D 243 24.75 -9.32 -25.31
CA LEU D 243 24.85 -8.95 -23.90
C LEU D 243 24.82 -10.20 -23.01
N LEU D 244 23.97 -11.18 -23.34
CA LEU D 244 23.91 -12.42 -22.56
C LEU D 244 25.25 -13.14 -22.60
N LEU D 245 25.87 -13.21 -23.78
CA LEU D 245 27.16 -13.90 -23.89
C LEU D 245 28.23 -13.11 -23.12
N TRP D 246 28.14 -11.79 -23.16
CA TRP D 246 29.05 -10.95 -22.40
C TRP D 246 29.03 -11.32 -20.91
N VAL D 247 27.81 -11.46 -20.36
CA VAL D 247 27.64 -11.88 -18.98
C VAL D 247 28.39 -13.19 -18.77
N TYR D 248 28.16 -14.15 -19.66
CA TYR D 248 28.82 -15.45 -19.57
C TYR D 248 30.33 -15.25 -19.56
N LYS D 249 30.85 -14.37 -20.42
CA LYS D 249 32.28 -14.15 -20.56
C LYS D 249 32.88 -13.42 -19.36
N ARG D 250 32.02 -12.75 -18.57
CA ARG D 250 32.42 -12.17 -17.30
C ARG D 250 32.45 -13.24 -16.20
N GLY D 251 32.13 -14.48 -16.55
CA GLY D 251 32.15 -15.60 -15.63
C GLY D 251 30.86 -15.72 -14.82
N ILE D 252 29.80 -15.11 -15.34
CA ILE D 252 28.55 -14.97 -14.62
C ILE D 252 27.46 -15.63 -15.45
N LEU D 253 26.46 -16.18 -14.76
CA LEU D 253 25.37 -16.89 -15.40
C LEU D 253 24.19 -15.93 -15.65
N PRO D 254 23.96 -15.54 -16.92
CA PRO D 254 22.80 -14.70 -17.26
C PRO D 254 21.46 -15.42 -17.10
N VAL D 255 20.55 -14.79 -16.33
CA VAL D 255 19.19 -15.25 -16.14
C VAL D 255 18.28 -14.27 -16.86
N THR D 256 17.58 -14.77 -17.88
CA THR D 256 16.82 -13.90 -18.76
C THR D 256 15.46 -14.54 -19.01
N THR D 257 14.53 -13.74 -19.50
CA THR D 257 13.25 -14.26 -19.90
C THR D 257 12.71 -13.37 -21.00
N SER D 258 11.67 -13.84 -21.68
CA SER D 258 11.05 -13.13 -22.79
C SER D 258 9.58 -13.48 -22.87
N ALA D 259 8.81 -12.62 -23.55
CA ALA D 259 7.43 -12.91 -23.89
C ALA D 259 7.37 -13.81 -25.13
N LYS D 260 8.47 -13.88 -25.88
CA LYS D 260 8.46 -14.50 -27.21
C LYS D 260 9.37 -15.72 -27.22
N ILE D 261 8.85 -16.82 -27.77
CA ILE D 261 9.56 -18.08 -27.87
C ILE D 261 10.87 -17.91 -28.68
N GLU D 262 10.88 -17.00 -29.66
CA GLU D 262 12.05 -16.81 -30.51
C GLU D 262 13.23 -16.29 -29.69
N ARG D 263 12.93 -15.41 -28.72
CA ARG D 263 13.98 -14.81 -27.90
C ARG D 263 14.51 -15.83 -26.91
N ILE D 264 13.69 -16.80 -26.55
CA ILE D 264 14.10 -17.82 -25.60
C ILE D 264 15.06 -18.78 -26.30
N LYS D 265 14.74 -19.12 -27.55
CA LYS D 265 15.59 -19.98 -28.37
C LYS D 265 16.91 -19.28 -28.67
N GLN D 266 16.85 -17.98 -28.92
CA GLN D 266 18.04 -17.18 -29.17
C GLN D 266 18.92 -17.12 -27.91
N ALA D 267 18.29 -17.02 -26.73
CA ALA D 267 19.01 -17.00 -25.47
C ALA D 267 19.77 -18.31 -25.29
N GLN D 268 19.10 -19.44 -25.56
CA GLN D 268 19.71 -20.75 -25.42
C GLN D 268 20.89 -20.89 -26.37
N ASP D 269 20.87 -20.17 -27.49
CA ASP D 269 21.80 -20.43 -28.58
C ASP D 269 22.97 -19.44 -28.56
N ILE D 270 23.22 -18.80 -27.41
CA ILE D 270 24.29 -17.80 -27.30
C ILE D 270 25.67 -18.46 -27.42
N PHE D 271 25.76 -19.77 -27.17
CA PHE D 271 27.05 -20.47 -27.21
C PHE D 271 27.36 -20.94 -28.63
N SER D 272 26.57 -20.49 -29.60
CA SER D 272 26.85 -20.71 -31.02
C SER D 272 27.89 -19.71 -31.52
N PHE D 273 28.15 -18.65 -30.73
CA PHE D 273 29.23 -17.73 -31.07
C PHE D 273 30.08 -17.45 -29.83
N ASP D 274 31.14 -16.68 -30.04
CA ASP D 274 32.09 -16.35 -28.98
C ASP D 274 32.54 -14.91 -29.16
N LEU D 275 32.70 -14.21 -28.03
CA LEU D 275 33.30 -12.88 -28.02
C LEU D 275 34.78 -13.02 -27.74
N THR D 276 35.57 -12.14 -28.33
CA THR D 276 37.00 -12.05 -28.01
C THR D 276 37.15 -11.35 -26.65
N GLU D 277 38.31 -11.53 -26.03
CA GLU D 277 38.61 -10.88 -24.77
C GLU D 277 38.49 -9.37 -24.93
N GLU D 278 38.99 -8.84 -26.05
CA GLU D 278 38.99 -7.40 -26.28
C GLU D 278 37.57 -6.84 -26.32
N GLU D 279 36.68 -7.59 -27.00
CA GLU D 279 35.28 -7.20 -27.13
C GLU D 279 34.60 -7.19 -25.75
N VAL D 280 34.87 -8.23 -24.94
CA VAL D 280 34.28 -8.35 -23.61
C VAL D 280 34.68 -7.12 -22.77
N LYS D 281 35.99 -6.79 -22.82
CA LYS D 281 36.54 -5.70 -22.03
C LYS D 281 35.93 -4.36 -22.48
N LYS D 282 35.68 -4.23 -23.78
CA LYS D 282 35.20 -2.95 -24.32
C LYS D 282 33.73 -2.73 -23.96
N ILE D 283 32.93 -3.80 -23.96
CA ILE D 283 31.56 -3.72 -23.49
C ILE D 283 31.56 -3.30 -22.02
N THR D 284 32.45 -3.92 -21.23
CA THR D 284 32.61 -3.59 -19.83
C THR D 284 32.89 -2.10 -19.66
N ASP D 285 33.92 -1.60 -20.32
CA ASP D 285 34.39 -0.23 -20.15
C ASP D 285 33.35 0.77 -20.65
N LEU D 286 32.76 0.50 -21.82
CA LEU D 286 31.74 1.40 -22.36
C LEU D 286 30.54 1.42 -21.41
N GLY D 287 30.16 0.26 -20.88
CA GLY D 287 29.03 0.16 -19.96
C GLY D 287 29.27 0.98 -18.69
N LEU D 288 30.52 0.98 -18.20
CA LEU D 288 30.87 1.63 -16.94
C LEU D 288 30.73 3.14 -17.07
N GLN D 289 30.66 3.67 -18.30
CA GLN D 289 30.50 5.10 -18.51
C GLN D 289 29.07 5.54 -18.19
N HIS D 290 28.11 4.62 -18.28
CA HIS D 290 26.72 4.99 -18.04
C HIS D 290 26.44 5.04 -16.55
N GLU D 291 25.46 5.87 -16.17
CA GLU D 291 24.97 5.93 -14.81
C GLU D 291 24.24 4.63 -14.48
N PRO D 292 24.25 4.20 -13.21
CA PRO D 292 23.64 2.93 -12.81
C PRO D 292 22.15 2.88 -13.08
N VAL D 293 21.72 1.75 -13.62
CA VAL D 293 20.30 1.44 -13.81
C VAL D 293 20.01 0.21 -12.98
N ARG D 294 19.11 0.35 -12.02
CA ARG D 294 18.80 -0.71 -11.08
C ARG D 294 17.30 -0.99 -11.12
N LEU D 295 16.92 -2.23 -11.44
CA LEU D 295 15.53 -2.55 -11.63
C LEU D 295 14.98 -3.40 -10.48
N TRP D 296 15.86 -3.82 -9.51
CA TRP D 296 15.47 -4.77 -8.46
C TRP D 296 16.06 -4.37 -7.09
N HIS D 297 15.37 -4.76 -6.01
CA HIS D 297 15.78 -4.42 -4.64
C HIS D 297 16.06 -2.93 -4.53
N VAL D 298 15.22 -2.12 -5.17
CA VAL D 298 15.55 -0.74 -5.45
C VAL D 298 15.50 0.11 -4.17
N ASP D 299 14.54 -0.20 -3.28
CA ASP D 299 14.42 0.57 -2.05
C ASP D 299 15.63 0.27 -1.15
N PHE D 300 16.18 -0.94 -1.27
CA PHE D 300 17.25 -1.38 -0.40
C PHE D 300 18.61 -0.89 -0.90
N TYR D 301 18.83 -0.94 -2.22
CA TYR D 301 20.18 -0.86 -2.75
C TYR D 301 20.41 0.43 -3.54
N THR D 302 19.42 1.33 -3.59
CA THR D 302 19.62 2.63 -4.23
C THR D 302 20.83 3.33 -3.62
N LYS D 303 21.03 3.14 -2.31
CA LYS D 303 22.11 3.77 -1.57
C LYS D 303 23.48 3.31 -2.07
N TYR D 304 23.54 2.20 -2.83
CA TYR D 304 24.81 1.65 -3.27
C TYR D 304 25.09 2.02 -4.72
N ASN D 305 24.27 2.90 -5.28
CA ASN D 305 24.35 3.24 -6.69
C ASN D 305 25.70 3.87 -7.01
N SER D 306 26.30 4.56 -6.03
CA SER D 306 27.55 5.27 -6.28
C SER D 306 28.71 4.28 -6.44
N GLU D 307 28.53 3.02 -5.97
CA GLU D 307 29.60 2.02 -6.06
C GLU D 307 29.33 1.02 -7.18
N ALA D 308 28.22 1.18 -7.92
CA ALA D 308 27.73 0.13 -8.78
C ALA D 308 28.50 0.10 -10.10
N GLN D 309 28.97 1.28 -10.50
CA GLN D 309 29.57 1.44 -11.81
C GLN D 309 31.02 1.96 -11.60
#